data_6BAU
#
_entry.id   6BAU
#
_cell.length_a   115.313
_cell.length_b   115.313
_cell.length_c   322.274
_cell.angle_alpha   90.000
_cell.angle_beta   90.000
_cell.angle_gamma   120.000
#
_symmetry.space_group_name_H-M   'P 61'
#
loop_
_entity.id
_entity.type
_entity.pdbx_description
1 polymer 'Glutamate transporter homolog'
2 non-polymer 'SODIUM ION'
3 non-polymer CYSTEINE
#
_entity_poly.entity_id   1
_entity_poly.type   'polypeptide(L)'
_entity_poly.pdbx_seq_one_letter_code
;MGLYRKYIEYPVLQKILIGLILGAIVGLILGHYGYADAVKTYVKPFGDLFVRLLKMLVMPIVFASLVVGAASISPARLGR
VGVKIVVYYLLTSAFAVTLGIIMARLFNPGAGIHLAVGGQQFQPKQAPPLVKILLDIVPTNPFGALANGQVLPTIFFAII
LGIAITYLMNSENEKVRKSAETLLDAINGLAEAMYKIVNGVMQYAPIGVFALIAYVMAEQGVKVVGELAKVTAAVYVGLT
LQILLVYFVLLKIYGIDPISFIKKAKDAMLTAFVTRSSSGTLPVTMRVAKEMGISEGIYSFTLPLGATINMDGTALYQGV
CTFFIANALGSHLTVGQQLTIVLTAVLASIGTAGVPGAGAIMLAMVLESVGLPLTDPNVAAAYAMILGIDAILDMGCTMV
NVTGDLTGTAIVAKTEGTLV
;
_entity_poly.pdbx_strand_id   A,B,C
#
# COMPACT_ATOMS: atom_id res chain seq x y z
N GLU A 9 31.47 -22.06 -1.42
CA GLU A 9 32.23 -23.27 -1.00
C GLU A 9 31.43 -23.98 0.08
N TYR A 10 31.73 -25.28 0.26
CA TYR A 10 31.14 -26.11 1.36
C TYR A 10 29.64 -26.35 1.15
N PRO A 11 29.09 -27.48 1.68
CA PRO A 11 27.64 -27.71 1.69
C PRO A 11 26.89 -26.73 2.61
N VAL A 12 25.63 -26.43 2.30
CA VAL A 12 24.84 -25.50 3.10
C VAL A 12 24.24 -26.15 4.36
N LEU A 13 23.80 -27.40 4.26
CA LEU A 13 23.18 -28.10 5.39
C LEU A 13 24.19 -28.40 6.52
N GLN A 14 25.46 -28.52 6.13
CA GLN A 14 26.54 -28.70 7.06
C GLN A 14 26.85 -27.39 7.78
N LYS A 15 26.97 -26.31 7.01
CA LYS A 15 27.30 -24.97 7.53
C LYS A 15 26.32 -24.52 8.61
N ILE A 16 25.02 -24.74 8.38
CA ILE A 16 23.97 -24.38 9.34
C ILE A 16 24.23 -25.06 10.69
N LEU A 17 24.38 -26.39 10.68
CA LEU A 17 24.58 -27.14 11.92
C LEU A 17 25.74 -26.61 12.72
N ILE A 18 26.80 -26.20 12.02
CA ILE A 18 27.96 -25.59 12.67
C ILE A 18 27.58 -24.24 13.29
N GLY A 19 26.87 -23.42 12.51
CA GLY A 19 26.42 -22.13 12.99
C GLY A 19 25.51 -22.30 14.18
N LEU A 20 24.61 -23.27 14.09
CA LEU A 20 23.68 -23.53 15.16
C LEU A 20 24.42 -23.98 16.44
N ILE A 21 25.27 -25.00 16.34
CA ILE A 21 25.95 -25.58 17.50
C ILE A 21 26.97 -24.64 18.09
N LEU A 22 27.81 -24.08 17.22
CA LEU A 22 28.81 -23.10 17.61
C LEU A 22 28.17 -21.77 18.06
N GLY A 23 27.01 -21.46 17.49
CA GLY A 23 26.27 -20.26 17.86
C GLY A 23 25.70 -20.35 19.26
N ALA A 24 25.05 -21.46 19.55
CA ALA A 24 24.45 -21.72 20.86
C ALA A 24 25.49 -21.69 21.96
N ILE A 25 26.71 -22.07 21.61
CA ILE A 25 27.81 -22.11 22.58
C ILE A 25 28.46 -20.74 22.78
N VAL A 26 28.67 -20.00 21.70
CA VAL A 26 29.21 -18.64 21.78
C VAL A 26 28.26 -17.74 22.56
N GLY A 27 26.98 -18.04 22.46
CA GLY A 27 25.94 -17.26 23.13
C GLY A 27 25.93 -17.53 24.61
N LEU A 28 25.72 -18.79 25.00
CA LEU A 28 25.67 -19.16 26.39
C LEU A 28 26.87 -18.64 27.17
N ILE A 29 28.04 -18.74 26.58
CA ILE A 29 29.28 -18.30 27.22
C ILE A 29 29.33 -16.77 27.37
N LEU A 30 29.17 -16.03 26.27
CA LEU A 30 29.20 -14.58 26.32
C LEU A 30 28.20 -14.04 27.34
N GLY A 31 27.01 -14.61 27.38
CA GLY A 31 25.93 -14.13 28.24
C GLY A 31 26.14 -14.39 29.72
N HIS A 32 26.77 -15.52 30.02
CA HIS A 32 27.06 -15.92 31.41
C HIS A 32 28.00 -14.92 32.07
N TYR A 33 28.74 -14.19 31.25
CA TYR A 33 29.65 -13.17 31.72
C TYR A 33 29.04 -11.77 31.60
N GLY A 34 27.73 -11.71 31.33
CA GLY A 34 26.97 -10.45 31.31
C GLY A 34 27.02 -9.64 30.03
N TYR A 35 27.61 -10.22 28.99
CA TYR A 35 27.73 -9.57 27.69
C TYR A 35 26.42 -9.68 26.87
N ALA A 36 25.30 -9.91 27.54
CA ALA A 36 24.00 -10.01 26.88
C ALA A 36 23.67 -8.77 26.07
N ASP A 37 24.23 -7.62 26.48
CA ASP A 37 24.05 -6.37 25.75
C ASP A 37 25.04 -6.19 24.64
N ALA A 38 26.21 -6.77 24.80
CA ALA A 38 27.22 -6.72 23.76
C ALA A 38 26.82 -7.61 22.57
N VAL A 39 26.14 -8.71 22.86
CA VAL A 39 25.68 -9.61 21.82
C VAL A 39 24.53 -8.99 21.04
N LYS A 40 23.70 -8.20 21.72
CA LYS A 40 22.50 -7.61 21.12
C LYS A 40 22.82 -6.50 20.12
N THR A 41 23.81 -5.67 20.41
CA THR A 41 24.10 -4.55 19.53
C THR A 41 25.15 -4.92 18.49
N TYR A 42 25.89 -6.00 18.74
CA TYR A 42 26.95 -6.41 17.82
C TYR A 42 26.63 -7.64 16.96
N VAL A 43 26.23 -8.74 17.58
CA VAL A 43 26.04 -10.00 16.85
C VAL A 43 24.68 -10.08 16.17
N LYS A 44 23.63 -9.77 16.92
CA LYS A 44 22.25 -9.91 16.46
C LYS A 44 21.95 -9.33 15.08
N PRO A 45 22.33 -8.06 14.82
CA PRO A 45 22.10 -7.44 13.52
C PRO A 45 22.17 -8.41 12.33
N PHE A 46 23.18 -9.29 12.31
CA PHE A 46 23.35 -10.27 11.21
C PHE A 46 22.16 -11.25 11.15
N GLY A 47 21.71 -11.67 12.33
CA GLY A 47 20.57 -12.55 12.46
C GLY A 47 19.34 -11.87 11.93
N ASP A 48 19.28 -10.54 12.05
CA ASP A 48 18.14 -9.77 11.57
C ASP A 48 18.16 -9.66 10.06
N LEU A 49 19.32 -9.39 9.49
CA LEU A 49 19.46 -9.32 8.06
C LEU A 49 18.95 -10.58 7.39
N PHE A 50 19.18 -11.73 8.03
CA PHE A 50 18.68 -13.03 7.53
C PHE A 50 17.14 -13.10 7.52
N VAL A 51 16.53 -12.54 8.57
CA VAL A 51 15.08 -12.52 8.72
C VAL A 51 14.43 -11.63 7.69
N ARG A 52 15.00 -10.44 7.55
CA ARG A 52 14.53 -9.44 6.62
C ARG A 52 14.50 -10.02 5.21
N LEU A 53 15.57 -10.72 4.86
CA LEU A 53 15.73 -11.30 3.53
C LEU A 53 14.66 -12.32 3.27
N LEU A 54 14.29 -13.08 4.29
CA LEU A 54 13.23 -14.11 4.16
C LEU A 54 11.82 -13.52 4.09
N LYS A 55 11.51 -12.59 4.99
CA LYS A 55 10.26 -11.83 4.93
C LYS A 55 10.07 -11.18 3.55
N MET A 56 11.17 -10.62 3.04
CA MET A 56 11.20 -10.05 1.70
C MET A 56 10.41 -10.91 0.71
N LEU A 57 10.75 -12.20 0.64
CA LEU A 57 10.21 -13.08 -0.35
C LEU A 57 8.75 -13.49 -0.15
N VAL A 58 8.25 -13.43 1.10
CA VAL A 58 6.97 -14.10 1.46
C VAL A 58 5.83 -13.66 0.58
N MET A 59 5.64 -12.36 0.48
CA MET A 59 4.55 -11.92 -0.32
C MET A 59 4.56 -12.43 -1.77
N PRO A 60 5.58 -12.06 -2.56
CA PRO A 60 5.64 -12.50 -3.96
C PRO A 60 5.54 -14.01 -4.10
N ILE A 61 6.39 -14.74 -3.38
CA ILE A 61 6.44 -16.19 -3.49
C ILE A 61 5.10 -16.90 -3.16
N VAL A 62 4.38 -16.36 -2.17
CA VAL A 62 3.08 -16.95 -1.81
C VAL A 62 2.05 -16.67 -2.91
N PHE A 63 1.89 -15.39 -3.25
CA PHE A 63 0.89 -14.94 -4.23
C PHE A 63 1.04 -15.60 -5.59
N ALA A 64 2.24 -15.45 -6.14
CA ALA A 64 2.51 -15.90 -7.49
C ALA A 64 2.43 -17.40 -7.62
N SER A 65 2.80 -18.11 -6.55
CA SER A 65 2.76 -19.58 -6.58
C SER A 65 1.32 -20.10 -6.56
N LEU A 66 0.42 -19.41 -5.85
CA LEU A 66 -0.95 -19.88 -5.68
C LEU A 66 -1.82 -19.60 -6.88
N VAL A 67 -1.57 -18.49 -7.57
CA VAL A 67 -2.26 -18.19 -8.80
C VAL A 67 -1.98 -19.30 -9.81
N VAL A 68 -0.70 -19.71 -9.91
CA VAL A 68 -0.28 -20.82 -10.78
C VAL A 68 -0.77 -22.17 -10.26
N GLY A 69 -0.82 -22.28 -8.94
CA GLY A 69 -1.26 -23.48 -8.28
C GLY A 69 -2.75 -23.67 -8.44
N ALA A 70 -3.53 -22.62 -8.19
CA ALA A 70 -4.98 -22.71 -8.32
C ALA A 70 -5.37 -22.88 -9.77
N ALA A 71 -4.58 -22.31 -10.66
CA ALA A 71 -4.80 -22.48 -12.07
C ALA A 71 -4.41 -23.88 -12.55
N SER A 72 -3.41 -24.47 -11.88
CA SER A 72 -2.92 -25.80 -12.21
C SER A 72 -3.96 -26.91 -11.96
N ILE A 73 -4.42 -27.02 -10.73
CA ILE A 73 -5.22 -28.14 -10.30
C ILE A 73 -6.73 -27.89 -10.48
N SER A 74 -7.51 -28.97 -10.38
CA SER A 74 -8.98 -28.93 -10.51
C SER A 74 -9.62 -28.11 -9.41
N PRO A 75 -10.69 -27.37 -9.72
CA PRO A 75 -11.35 -26.55 -8.71
C PRO A 75 -11.99 -27.39 -7.61
N ALA A 76 -12.38 -28.60 -7.96
CA ALA A 76 -12.98 -29.48 -6.98
C ALA A 76 -11.89 -30.16 -6.17
N ARG A 77 -10.78 -30.46 -6.84
CA ARG A 77 -9.63 -31.06 -6.18
C ARG A 77 -9.17 -30.14 -5.06
N LEU A 78 -8.81 -28.92 -5.42
CA LEU A 78 -8.33 -27.91 -4.47
C LEU A 78 -9.29 -27.82 -3.30
N GLY A 79 -10.58 -27.93 -3.60
CA GLY A 79 -11.63 -27.91 -2.56
C GLY A 79 -11.56 -29.11 -1.65
N ARG A 80 -11.25 -30.27 -2.23
CA ARG A 80 -11.10 -31.48 -1.45
C ARG A 80 -9.83 -31.38 -0.60
N VAL A 81 -8.75 -30.95 -1.22
CA VAL A 81 -7.48 -30.75 -0.54
C VAL A 81 -7.70 -29.91 0.70
N GLY A 82 -8.53 -28.89 0.55
CA GLY A 82 -8.84 -27.99 1.63
C GLY A 82 -9.51 -28.68 2.80
N VAL A 83 -10.52 -29.49 2.51
CA VAL A 83 -11.29 -30.15 3.56
C VAL A 83 -10.43 -31.13 4.30
N LYS A 84 -9.52 -31.76 3.57
CA LYS A 84 -8.63 -32.75 4.14
C LYS A 84 -7.60 -32.10 5.04
N ILE A 85 -6.92 -31.09 4.53
CA ILE A 85 -5.84 -30.45 5.28
C ILE A 85 -6.33 -29.73 6.54
N VAL A 86 -7.58 -29.26 6.50
CA VAL A 86 -8.20 -28.60 7.67
C VAL A 86 -8.52 -29.64 8.74
N VAL A 87 -9.09 -30.77 8.31
CA VAL A 87 -9.38 -31.89 9.20
C VAL A 87 -8.10 -32.36 9.88
N TYR A 88 -7.03 -32.42 9.10
CA TYR A 88 -5.73 -32.82 9.60
C TYR A 88 -5.22 -31.87 10.66
N TYR A 89 -5.18 -30.57 10.33
CA TYR A 89 -4.66 -29.54 11.25
C TYR A 89 -5.35 -29.56 12.62
N LEU A 90 -6.69 -29.68 12.59
CA LEU A 90 -7.50 -29.66 13.79
C LEU A 90 -7.16 -30.85 14.64
N LEU A 91 -7.10 -32.02 14.02
CA LEU A 91 -6.82 -33.24 14.76
C LEU A 91 -5.39 -33.30 15.31
N THR A 92 -4.46 -32.65 14.60
CA THR A 92 -3.07 -32.57 15.08
C THR A 92 -2.96 -31.66 16.28
N SER A 93 -3.41 -30.42 16.10
CA SER A 93 -3.36 -29.43 17.18
C SER A 93 -4.08 -29.94 18.46
N ALA A 94 -5.21 -30.65 18.30
CA ALA A 94 -5.97 -31.18 19.44
C ALA A 94 -5.20 -32.26 20.14
N PHE A 95 -4.48 -33.06 19.36
CA PHE A 95 -3.64 -34.09 19.92
C PHE A 95 -2.39 -33.48 20.57
N ALA A 96 -1.98 -32.31 20.11
CA ALA A 96 -0.77 -31.69 20.62
C ALA A 96 -0.96 -31.11 22.01
N VAL A 97 -2.17 -30.63 22.29
CA VAL A 97 -2.48 -30.08 23.61
C VAL A 97 -2.49 -31.22 24.62
N THR A 98 -3.20 -32.29 24.27
CA THR A 98 -3.32 -33.47 25.13
C THR A 98 -1.98 -34.15 25.35
N LEU A 99 -1.06 -33.96 24.42
CA LEU A 99 0.28 -34.50 24.55
C LEU A 99 1.08 -33.62 25.49
N GLY A 100 0.74 -32.34 25.54
CA GLY A 100 1.39 -31.39 26.43
C GLY A 100 0.92 -31.54 27.85
N ILE A 101 -0.40 -31.69 28.02
CA ILE A 101 -1.00 -31.92 29.33
C ILE A 101 -0.34 -33.15 29.98
N ILE A 102 -0.27 -34.23 29.23
CA ILE A 102 0.35 -35.48 29.71
C ILE A 102 1.84 -35.30 30.02
N MET A 103 2.42 -34.22 29.51
CA MET A 103 3.79 -33.91 29.85
C MET A 103 3.83 -33.05 31.09
N ALA A 104 2.75 -32.34 31.35
CA ALA A 104 2.69 -31.42 32.49
C ALA A 104 2.26 -32.10 33.76
N ARG A 105 1.69 -33.29 33.60
CA ARG A 105 1.33 -34.11 34.75
C ARG A 105 2.48 -35.06 35.01
N LEU A 106 3.22 -35.43 33.95
CA LEU A 106 4.37 -36.29 34.09
C LEU A 106 5.45 -35.54 34.85
N PHE A 107 5.91 -34.43 34.28
CA PHE A 107 6.76 -33.53 35.02
C PHE A 107 5.83 -32.66 35.83
N ASN A 108 6.37 -32.05 36.88
CA ASN A 108 5.60 -31.08 37.62
C ASN A 108 6.35 -29.77 37.68
N PRO A 109 6.03 -28.86 36.74
CA PRO A 109 6.66 -27.56 36.64
C PRO A 109 5.97 -26.55 37.58
N GLY A 110 6.75 -26.01 38.51
CA GLY A 110 6.24 -25.05 39.49
C GLY A 110 5.34 -25.71 40.52
N ALA A 111 5.74 -26.89 40.98
CA ALA A 111 4.96 -27.66 41.97
C ALA A 111 5.01 -27.03 43.35
N GLY A 112 6.21 -26.88 43.89
CA GLY A 112 6.38 -26.30 45.22
C GLY A 112 7.01 -24.92 45.21
N ILE A 113 6.68 -24.12 44.20
CA ILE A 113 7.23 -22.77 44.05
C ILE A 113 6.25 -21.70 44.55
N HIS A 114 6.76 -20.71 45.29
CA HIS A 114 5.98 -19.54 45.75
C HIS A 114 6.67 -18.24 45.30
N LEU A 115 5.94 -17.42 44.54
CA LEU A 115 6.56 -16.32 43.82
C LEU A 115 6.32 -14.97 44.46
N ALA A 116 7.22 -14.01 44.18
CA ALA A 116 7.10 -12.65 44.69
C ALA A 116 6.02 -11.88 43.95
N VAL A 117 4.87 -11.72 44.58
CA VAL A 117 3.70 -11.11 43.93
C VAL A 117 3.84 -9.61 43.78
N GLY A 118 3.13 -9.03 42.82
CA GLY A 118 3.03 -7.58 42.67
C GLY A 118 4.08 -6.97 41.78
N GLY A 119 5.01 -7.82 41.35
CA GLY A 119 6.14 -7.39 40.53
C GLY A 119 5.73 -6.72 39.23
N GLN A 120 4.82 -7.36 38.51
CA GLN A 120 4.39 -6.87 37.21
C GLN A 120 2.94 -7.25 36.92
N GLN A 121 2.10 -6.26 36.57
CA GLN A 121 0.70 -6.51 36.14
C GLN A 121 0.58 -6.44 34.63
N PHE A 122 -0.20 -7.35 34.06
CA PHE A 122 -0.35 -7.42 32.61
C PHE A 122 -1.69 -6.94 32.12
N GLN A 123 -1.71 -6.47 30.86
CA GLN A 123 -2.90 -5.83 30.28
C GLN A 123 -3.58 -6.72 29.24
N PRO A 124 -4.88 -7.02 29.46
CA PRO A 124 -5.64 -7.90 28.54
C PRO A 124 -6.01 -7.18 27.22
N LYS A 125 -5.62 -7.77 26.09
CA LYS A 125 -5.95 -7.22 24.77
C LYS A 125 -7.29 -7.80 24.29
N GLN A 126 -8.36 -6.99 24.34
CA GLN A 126 -9.71 -7.46 23.95
C GLN A 126 -9.77 -7.97 22.49
N ALA A 127 -10.09 -9.27 22.35
CA ALA A 127 -10.20 -9.95 21.04
C ALA A 127 -11.42 -9.45 20.21
N PRO A 128 -11.31 -9.49 18.86
CA PRO A 128 -12.44 -9.13 18.01
C PRO A 128 -13.35 -10.34 17.75
N PRO A 129 -14.61 -10.07 17.35
CA PRO A 129 -15.65 -11.09 17.12
C PRO A 129 -15.27 -12.08 16.06
N LEU A 130 -15.66 -13.33 16.22
CA LEU A 130 -15.33 -14.34 15.24
C LEU A 130 -15.82 -13.96 13.85
N VAL A 131 -17.05 -13.48 13.77
CA VAL A 131 -17.63 -13.04 12.50
C VAL A 131 -16.69 -12.09 11.76
N LYS A 132 -16.26 -11.01 12.42
CA LYS A 132 -15.34 -10.03 11.85
C LYS A 132 -14.05 -10.68 11.28
N ILE A 133 -13.51 -11.67 11.98
CA ILE A 133 -12.30 -12.35 11.56
C ILE A 133 -12.52 -13.16 10.31
N LEU A 134 -13.69 -13.77 10.19
CA LEU A 134 -14.00 -14.61 9.05
C LEU A 134 -14.28 -13.80 7.80
N LEU A 135 -15.03 -12.72 7.91
CA LEU A 135 -15.35 -11.88 6.75
C LEU A 135 -14.12 -11.13 6.27
N ASP A 136 -13.10 -11.05 7.14
CA ASP A 136 -11.85 -10.35 6.86
C ASP A 136 -10.83 -11.23 6.17
N ILE A 137 -11.24 -12.43 5.81
CA ILE A 137 -10.44 -13.28 4.98
C ILE A 137 -10.67 -12.83 3.55
N VAL A 138 -11.86 -12.35 3.25
CA VAL A 138 -12.17 -11.82 1.92
C VAL A 138 -11.77 -10.35 1.86
N PRO A 139 -10.69 -10.05 1.08
CA PRO A 139 -10.09 -8.72 1.13
C PRO A 139 -10.89 -7.76 0.25
N THR A 140 -10.95 -6.49 0.62
CA THR A 140 -11.70 -5.51 -0.18
C THR A 140 -10.82 -4.83 -1.22
N ASN A 141 -9.52 -5.12 -1.17
CA ASN A 141 -8.58 -4.64 -2.18
C ASN A 141 -7.36 -5.51 -2.20
N PRO A 142 -7.24 -6.39 -3.21
CA PRO A 142 -6.11 -7.32 -3.33
C PRO A 142 -4.73 -6.63 -3.26
N PHE A 143 -4.66 -5.47 -3.90
CA PHE A 143 -3.43 -4.70 -3.97
C PHE A 143 -3.04 -4.26 -2.60
N GLY A 144 -4.03 -3.94 -1.79
CA GLY A 144 -3.78 -3.59 -0.40
C GLY A 144 -3.26 -4.75 0.44
N ALA A 145 -3.85 -5.91 0.19
CA ALA A 145 -3.47 -7.12 0.90
C ALA A 145 -2.01 -7.28 0.74
N LEU A 146 -1.61 -7.55 -0.51
CA LEU A 146 -0.21 -7.68 -0.87
C LEU A 146 0.63 -6.57 -0.27
N ALA A 147 0.28 -5.33 -0.62
CA ALA A 147 0.99 -4.15 -0.19
C ALA A 147 1.44 -4.27 1.27
N ASN A 148 0.53 -4.63 2.17
CA ASN A 148 0.91 -4.76 3.60
C ASN A 148 0.65 -6.16 4.23
N GLY A 149 1.66 -7.05 4.19
CA GLY A 149 1.55 -8.42 4.77
C GLY A 149 0.29 -9.13 4.28
N GLN A 150 -0.55 -9.58 5.23
CA GLN A 150 -1.93 -10.12 4.94
C GLN A 150 -1.92 -11.36 4.06
N VAL A 151 -1.49 -12.46 4.67
CA VAL A 151 -1.24 -13.68 3.92
C VAL A 151 -2.54 -14.36 3.49
N LEU A 152 -3.50 -14.44 4.43
CA LEU A 152 -4.77 -15.16 4.23
C LEU A 152 -5.68 -14.50 3.21
N PRO A 153 -5.90 -13.18 3.35
CA PRO A 153 -6.63 -12.49 2.28
C PRO A 153 -6.02 -12.74 0.88
N THR A 154 -4.68 -12.73 0.80
CA THR A 154 -3.94 -12.94 -0.46
C THR A 154 -4.24 -14.35 -0.93
N ILE A 155 -4.19 -15.31 -0.01
CA ILE A 155 -4.52 -16.70 -0.32
C ILE A 155 -5.86 -16.78 -1.02
N PHE A 156 -6.88 -16.10 -0.47
CA PHE A 156 -8.25 -16.12 -1.05
C PHE A 156 -8.27 -15.58 -2.49
N PHE A 157 -7.80 -14.35 -2.68
CA PHE A 157 -7.74 -13.73 -3.98
C PHE A 157 -6.97 -14.58 -4.98
N ALA A 158 -5.77 -14.99 -4.61
CA ALA A 158 -4.91 -15.81 -5.49
C ALA A 158 -5.62 -17.04 -6.05
N ILE A 159 -6.33 -17.76 -5.18
CA ILE A 159 -7.08 -18.94 -5.62
C ILE A 159 -8.19 -18.54 -6.58
N ILE A 160 -8.90 -17.48 -6.22
CA ILE A 160 -9.97 -16.97 -7.08
C ILE A 160 -9.39 -16.61 -8.44
N LEU A 161 -8.35 -15.79 -8.47
CA LEU A 161 -7.71 -15.43 -9.72
C LEU A 161 -7.19 -16.64 -10.44
N GLY A 162 -6.59 -17.56 -9.71
CA GLY A 162 -6.13 -18.81 -10.29
C GLY A 162 -7.23 -19.54 -11.06
N ILE A 163 -8.36 -19.77 -10.40
CA ILE A 163 -9.48 -20.45 -11.02
C ILE A 163 -10.03 -19.62 -12.18
N ALA A 164 -9.93 -18.31 -12.09
CA ALA A 164 -10.41 -17.45 -13.17
C ALA A 164 -9.58 -17.62 -14.43
N ILE A 165 -8.25 -17.68 -14.28
CA ILE A 165 -7.36 -17.85 -15.42
C ILE A 165 -7.69 -19.17 -16.14
N THR A 166 -7.92 -20.23 -15.37
CA THR A 166 -8.31 -21.55 -15.91
C THR A 166 -9.54 -21.46 -16.83
N TYR A 167 -10.61 -20.82 -16.37
CA TYR A 167 -11.82 -20.69 -17.16
C TYR A 167 -11.62 -19.83 -18.38
N LEU A 168 -10.56 -19.05 -18.39
CA LEU A 168 -10.21 -18.24 -19.55
C LEU A 168 -9.41 -19.06 -20.55
N MET A 169 -8.93 -20.22 -20.14
CA MET A 169 -8.20 -21.13 -21.03
C MET A 169 -9.15 -21.87 -21.97
N ASN A 170 -10.36 -22.15 -21.48
CA ASN A 170 -11.36 -22.92 -22.22
C ASN A 170 -12.22 -22.07 -23.14
N SER A 171 -12.03 -20.76 -23.10
CA SER A 171 -12.85 -19.87 -23.92
C SER A 171 -12.65 -20.13 -25.41
N GLU A 172 -13.71 -19.87 -26.16
CA GLU A 172 -13.71 -20.08 -27.60
C GLU A 172 -12.80 -19.06 -28.30
N ASN A 173 -12.68 -17.88 -27.70
CA ASN A 173 -11.89 -16.79 -28.28
C ASN A 173 -10.39 -17.11 -28.34
N GLU A 174 -9.71 -16.52 -29.32
CA GLU A 174 -8.26 -16.62 -29.42
C GLU A 174 -7.58 -15.56 -28.56
N LYS A 175 -8.03 -14.31 -28.70
CA LYS A 175 -7.42 -13.17 -27.98
C LYS A 175 -7.58 -13.23 -26.45
N VAL A 176 -8.59 -13.96 -25.99
CA VAL A 176 -8.83 -14.16 -24.56
C VAL A 176 -7.91 -15.25 -24.02
N ARG A 177 -7.86 -16.37 -24.73
CA ARG A 177 -7.03 -17.50 -24.34
C ARG A 177 -5.54 -17.15 -24.33
N LYS A 178 -5.14 -16.17 -25.15
CA LYS A 178 -3.74 -15.74 -25.25
C LYS A 178 -3.38 -14.79 -24.12
N SER A 179 -4.26 -13.83 -23.86
CA SER A 179 -4.02 -12.90 -22.78
C SER A 179 -4.00 -13.63 -21.44
N ALA A 180 -4.84 -14.64 -21.28
CA ALA A 180 -4.87 -15.42 -20.05
C ALA A 180 -3.60 -16.21 -19.88
N GLU A 181 -3.09 -16.74 -20.98
CA GLU A 181 -1.82 -17.44 -20.98
C GLU A 181 -0.69 -16.52 -20.53
N THR A 182 -0.61 -15.34 -21.16
CA THR A 182 0.43 -14.35 -20.88
C THR A 182 0.50 -13.97 -19.39
N LEU A 183 -0.64 -13.59 -18.83
CA LEU A 183 -0.73 -13.28 -17.41
C LEU A 183 -0.15 -14.42 -16.60
N LEU A 184 -0.69 -15.63 -16.78
CA LEU A 184 -0.27 -16.79 -16.01
C LEU A 184 1.23 -17.00 -16.09
N ASP A 185 1.78 -16.88 -17.29
CA ASP A 185 3.20 -17.08 -17.50
C ASP A 185 4.04 -16.11 -16.70
N ALA A 186 3.75 -14.82 -16.84
CA ALA A 186 4.51 -13.78 -16.15
C ALA A 186 4.45 -13.98 -14.65
N ILE A 187 3.25 -14.27 -14.13
CA ILE A 187 3.03 -14.53 -12.69
C ILE A 187 3.87 -15.70 -12.23
N ASN A 188 3.95 -16.71 -13.10
CA ASN A 188 4.79 -17.87 -12.86
C ASN A 188 6.27 -17.51 -12.94
N GLY A 189 6.58 -16.54 -13.77
CA GLY A 189 7.94 -16.02 -13.83
C GLY A 189 8.38 -15.55 -12.47
N LEU A 190 7.57 -14.70 -11.86
CA LEU A 190 7.82 -14.24 -10.53
C LEU A 190 8.03 -15.42 -9.60
N ALA A 191 7.06 -16.32 -9.57
CA ALA A 191 7.11 -17.51 -8.70
C ALA A 191 8.44 -18.23 -8.80
N GLU A 192 8.79 -18.62 -10.01
CA GLU A 192 10.05 -19.33 -10.29
C GLU A 192 11.24 -18.52 -9.78
N ALA A 193 11.22 -17.21 -10.02
CA ALA A 193 12.32 -16.33 -9.64
C ALA A 193 12.51 -16.29 -8.14
N MET A 194 11.38 -16.33 -7.43
CA MET A 194 11.35 -16.22 -5.96
C MET A 194 11.97 -17.42 -5.27
N TYR A 195 11.76 -18.60 -5.86
CA TYR A 195 12.37 -19.79 -5.31
C TYR A 195 13.87 -19.77 -5.51
N LYS A 196 14.32 -19.13 -6.58
CA LYS A 196 15.74 -19.06 -6.88
C LYS A 196 16.40 -18.12 -5.88
N ILE A 197 15.67 -17.10 -5.48
CA ILE A 197 16.16 -16.20 -4.46
C ILE A 197 16.40 -16.96 -3.15
N VAL A 198 15.44 -17.80 -2.75
CA VAL A 198 15.51 -18.47 -1.45
C VAL A 198 16.79 -19.26 -1.32
N ASN A 199 17.35 -19.68 -2.45
CA ASN A 199 18.61 -20.40 -2.47
C ASN A 199 19.73 -19.49 -2.00
N GLY A 200 19.86 -18.35 -2.67
CA GLY A 200 20.89 -17.37 -2.35
C GLY A 200 20.80 -16.87 -0.94
N VAL A 201 19.57 -16.74 -0.44
CA VAL A 201 19.34 -16.30 0.92
C VAL A 201 19.73 -17.42 1.87
N MET A 202 19.42 -18.65 1.48
CA MET A 202 19.81 -19.79 2.29
C MET A 202 21.32 -19.90 2.40
N GLN A 203 22.03 -19.14 1.57
CA GLN A 203 23.48 -19.12 1.61
C GLN A 203 23.98 -18.28 2.77
N TYR A 204 23.21 -17.28 3.14
CA TYR A 204 23.55 -16.44 4.24
C TYR A 204 22.98 -17.03 5.52
N ALA A 205 22.34 -18.18 5.39
CA ALA A 205 21.66 -18.80 6.52
C ALA A 205 22.59 -19.08 7.70
N PRO A 206 23.70 -19.76 7.45
CA PRO A 206 24.62 -20.09 8.52
C PRO A 206 25.03 -18.86 9.34
N ILE A 207 25.44 -17.77 8.68
CA ILE A 207 25.83 -16.55 9.39
C ILE A 207 24.66 -16.04 10.22
N GLY A 208 23.48 -15.98 9.61
CA GLY A 208 22.28 -15.53 10.30
C GLY A 208 21.96 -16.45 11.46
N VAL A 209 21.92 -17.75 11.18
CA VAL A 209 21.59 -18.74 12.18
C VAL A 209 22.52 -18.60 13.37
N PHE A 210 23.82 -18.51 13.12
CA PHE A 210 24.81 -18.33 14.18
C PHE A 210 24.37 -17.20 15.13
N ALA A 211 24.09 -16.05 14.53
CA ALA A 211 23.78 -14.82 15.27
C ALA A 211 22.48 -14.93 16.01
N LEU A 212 21.48 -15.44 15.32
CA LEU A 212 20.16 -15.55 15.90
C LEU A 212 20.12 -16.34 17.22
N ILE A 213 20.86 -17.46 17.30
CA ILE A 213 20.88 -18.25 18.53
C ILE A 213 21.84 -17.61 19.51
N ALA A 214 22.90 -17.03 18.96
CA ALA A 214 23.84 -16.27 19.80
C ALA A 214 23.11 -15.23 20.67
N TYR A 215 22.06 -14.64 20.12
CA TYR A 215 21.30 -13.64 20.82
C TYR A 215 20.33 -14.28 21.78
N VAL A 216 19.55 -15.23 21.33
CA VAL A 216 18.55 -15.87 22.16
C VAL A 216 19.22 -16.51 23.37
N MET A 217 20.34 -17.18 23.18
CA MET A 217 21.00 -17.87 24.28
C MET A 217 21.67 -16.94 25.28
N ALA A 218 22.20 -15.84 24.78
CA ALA A 218 22.83 -14.86 25.65
C ALA A 218 21.80 -14.05 26.43
N GLU A 219 20.59 -13.96 25.88
CA GLU A 219 19.56 -13.11 26.46
C GLU A 219 18.71 -13.86 27.45
N GLN A 220 18.46 -15.14 27.18
CA GLN A 220 17.57 -15.93 28.03
C GLN A 220 18.09 -17.31 28.36
N GLY A 221 19.33 -17.59 27.97
CA GLY A 221 19.92 -18.90 28.24
C GLY A 221 20.16 -19.11 29.72
N VAL A 222 20.77 -18.11 30.33
CA VAL A 222 21.17 -18.20 31.72
C VAL A 222 19.97 -18.20 32.67
N LYS A 223 18.79 -17.87 32.17
CA LYS A 223 17.61 -17.85 33.01
C LYS A 223 16.96 -19.22 33.04
N VAL A 224 17.47 -20.14 32.23
CA VAL A 224 16.90 -21.47 32.15
C VAL A 224 17.41 -22.35 33.27
N VAL A 225 17.03 -22.00 34.50
CA VAL A 225 17.40 -22.76 35.69
C VAL A 225 16.20 -22.89 36.63
N GLY A 226 16.31 -23.80 37.58
CA GLY A 226 15.25 -24.00 38.56
C GLY A 226 13.97 -24.44 37.91
N GLU A 227 12.85 -24.07 38.51
CA GLU A 227 11.56 -24.48 37.98
C GLU A 227 11.39 -24.10 36.52
N LEU A 228 12.12 -23.06 36.10
CA LEU A 228 12.09 -22.62 34.71
C LEU A 228 12.80 -23.62 33.79
N ALA A 229 13.69 -24.41 34.37
CA ALA A 229 14.35 -25.45 33.62
C ALA A 229 13.39 -26.60 33.44
N LYS A 230 12.64 -26.93 34.48
CA LYS A 230 11.72 -28.09 34.46
C LYS A 230 10.59 -27.91 33.47
N VAL A 231 10.04 -26.71 33.40
CA VAL A 231 9.02 -26.44 32.42
C VAL A 231 9.61 -26.48 31.01
N THR A 232 10.88 -26.07 30.87
CA THR A 232 11.58 -26.06 29.57
C THR A 232 11.76 -27.48 29.02
N ALA A 233 12.19 -28.39 29.89
CA ALA A 233 12.31 -29.78 29.51
C ALA A 233 10.95 -30.36 29.19
N ALA A 234 9.95 -30.01 29.99
CA ALA A 234 8.58 -30.47 29.79
C ALA A 234 8.06 -30.16 28.40
N VAL A 235 8.37 -28.97 27.92
CA VAL A 235 7.93 -28.53 26.59
C VAL A 235 8.72 -29.25 25.51
N TYR A 236 10.04 -29.20 25.62
CA TYR A 236 10.88 -29.83 24.61
C TYR A 236 10.69 -31.36 24.48
N VAL A 237 10.62 -32.06 25.61
CA VAL A 237 10.32 -33.49 25.63
C VAL A 237 9.03 -33.77 24.89
N GLY A 238 8.01 -33.00 25.22
CA GLY A 238 6.72 -33.13 24.57
C GLY A 238 6.81 -32.90 23.08
N LEU A 239 7.41 -31.77 22.69
CA LEU A 239 7.60 -31.46 21.28
C LEU A 239 8.24 -32.64 20.57
N THR A 240 9.32 -33.14 21.15
CA THR A 240 10.00 -34.31 20.61
C THR A 240 9.01 -35.46 20.40
N LEU A 241 8.12 -35.69 21.35
CA LEU A 241 7.12 -36.75 21.23
C LEU A 241 6.06 -36.45 20.21
N GLN A 242 5.88 -35.19 19.88
CA GLN A 242 4.95 -34.82 18.84
C GLN A 242 5.50 -35.24 17.48
N ILE A 243 6.82 -35.10 17.33
CA ILE A 243 7.48 -35.46 16.09
C ILE A 243 7.46 -36.98 15.92
N LEU A 244 8.01 -37.69 16.90
CA LEU A 244 8.14 -39.15 16.84
C LEU A 244 6.80 -39.86 16.96
N LEU A 245 5.99 -39.42 17.90
CA LEU A 245 4.76 -40.12 18.18
C LEU A 245 3.58 -39.68 17.32
N VAL A 246 3.73 -38.61 16.53
CA VAL A 246 2.60 -38.14 15.70
C VAL A 246 2.93 -38.00 14.24
N TYR A 247 4.10 -37.46 13.93
CA TYR A 247 4.52 -37.30 12.54
C TYR A 247 5.11 -38.60 11.99
N PHE A 248 6.18 -39.07 12.60
CA PHE A 248 6.81 -40.32 12.22
C PHE A 248 5.81 -41.45 12.15
N VAL A 249 4.76 -41.39 12.95
CA VAL A 249 3.71 -42.39 12.93
C VAL A 249 2.75 -42.17 11.77
N LEU A 250 2.18 -40.97 11.65
CA LEU A 250 1.25 -40.68 10.56
C LEU A 250 1.91 -40.74 9.20
N LEU A 251 3.22 -40.56 9.16
CA LEU A 251 3.95 -40.67 7.92
C LEU A 251 4.11 -42.15 7.49
N LYS A 252 4.47 -43.00 8.43
CA LYS A 252 4.57 -44.44 8.14
C LYS A 252 3.24 -44.98 7.67
N ILE A 253 2.16 -44.59 8.34
CA ILE A 253 0.84 -45.08 8.03
C ILE A 253 0.46 -44.73 6.61
N TYR A 254 0.89 -43.58 6.13
CA TYR A 254 0.51 -43.16 4.79
C TYR A 254 1.53 -43.51 3.72
N GLY A 255 2.56 -44.25 4.10
CA GLY A 255 3.51 -44.74 3.14
C GLY A 255 4.54 -43.72 2.73
N ILE A 256 4.94 -42.88 3.68
CA ILE A 256 6.01 -41.93 3.43
C ILE A 256 7.15 -42.22 4.37
N ASP A 257 8.34 -42.40 3.81
CA ASP A 257 9.50 -42.69 4.62
C ASP A 257 9.83 -41.49 5.48
N PRO A 258 9.72 -41.66 6.80
CA PRO A 258 9.90 -40.58 7.73
C PRO A 258 11.29 -40.00 7.68
N ILE A 259 12.29 -40.85 7.49
CA ILE A 259 13.67 -40.41 7.57
C ILE A 259 14.10 -39.49 6.42
N SER A 260 13.70 -39.82 5.20
CA SER A 260 14.03 -38.95 4.07
C SER A 260 13.06 -37.77 3.97
N PHE A 261 12.05 -37.76 4.85
CA PHE A 261 11.17 -36.60 4.99
C PHE A 261 11.84 -35.56 5.88
N ILE A 262 12.53 -36.02 6.91
CA ILE A 262 13.31 -35.15 7.79
C ILE A 262 14.51 -34.64 7.01
N LYS A 263 15.05 -35.45 6.11
CA LYS A 263 16.21 -35.05 5.33
C LYS A 263 15.88 -33.89 4.38
N LYS A 264 14.67 -33.93 3.80
CA LYS A 264 14.22 -32.93 2.81
C LYS A 264 13.68 -31.65 3.45
N ALA A 265 13.10 -31.78 4.64
CA ALA A 265 12.57 -30.64 5.38
C ALA A 265 13.50 -30.14 6.48
N LYS A 266 14.82 -30.29 6.26
CA LYS A 266 15.86 -29.92 7.23
C LYS A 266 16.02 -28.40 7.29
N ASP A 267 16.18 -27.78 6.12
CA ASP A 267 16.34 -26.32 6.01
C ASP A 267 15.13 -25.55 6.57
N ALA A 268 13.94 -26.11 6.37
CA ALA A 268 12.73 -25.50 6.86
C ALA A 268 12.70 -25.57 8.37
N MET A 269 12.91 -26.76 8.92
CA MET A 269 12.88 -26.96 10.36
C MET A 269 13.88 -26.09 11.11
N LEU A 270 15.10 -25.97 10.55
CA LEU A 270 16.17 -25.19 11.20
C LEU A 270 15.96 -23.67 11.08
N THR A 271 15.53 -23.21 9.89
CA THR A 271 15.18 -21.80 9.73
C THR A 271 14.08 -21.46 10.73
N ALA A 272 13.01 -22.26 10.72
CA ALA A 272 11.88 -22.11 11.65
C ALA A 272 12.38 -21.97 13.10
N PHE A 273 13.08 -23.00 13.60
CA PHE A 273 13.64 -23.01 14.96
C PHE A 273 14.46 -21.74 15.31
N VAL A 274 15.40 -21.38 14.44
CA VAL A 274 16.25 -20.25 14.66
C VAL A 274 15.46 -18.96 14.56
N THR A 275 14.72 -18.81 13.46
CA THR A 275 14.04 -17.56 13.15
C THR A 275 12.90 -17.20 14.12
N ARG A 276 12.15 -18.23 14.53
CA ARG A 276 11.00 -18.10 15.44
C ARG A 276 9.76 -17.55 14.76
N SER A 277 9.87 -17.33 13.46
CA SER A 277 8.75 -16.86 12.68
C SER A 277 8.24 -17.95 11.75
N SER A 278 7.10 -18.50 12.16
CA SER A 278 6.40 -19.49 11.34
C SER A 278 6.17 -18.96 9.89
N SER A 279 5.82 -17.67 9.84
CA SER A 279 5.51 -16.99 8.59
C SER A 279 6.78 -16.59 7.82
N GLY A 280 7.77 -16.09 8.56
CA GLY A 280 9.07 -15.69 7.98
C GLY A 280 9.83 -16.84 7.33
N THR A 281 9.55 -18.06 7.76
CA THR A 281 10.20 -19.24 7.19
C THR A 281 9.46 -19.76 5.95
N LEU A 282 8.24 -19.29 5.76
CA LEU A 282 7.37 -19.78 4.72
C LEU A 282 8.02 -19.96 3.31
N PRO A 283 8.89 -19.02 2.88
CA PRO A 283 9.52 -19.25 1.56
C PRO A 283 10.48 -20.44 1.57
N VAL A 284 11.11 -20.71 2.72
CA VAL A 284 12.01 -21.86 2.86
C VAL A 284 11.18 -23.12 2.89
N THR A 285 10.14 -23.14 3.73
CA THR A 285 9.25 -24.30 3.85
C THR A 285 8.44 -24.57 2.58
N MET A 286 8.27 -23.54 1.74
CA MET A 286 7.62 -23.70 0.47
C MET A 286 8.56 -24.30 -0.55
N ARG A 287 9.82 -23.90 -0.51
CA ARG A 287 10.84 -24.49 -1.36
C ARG A 287 10.97 -25.98 -1.02
N VAL A 288 11.24 -26.29 0.24
CA VAL A 288 11.31 -27.66 0.70
C VAL A 288 10.11 -28.52 0.27
N ALA A 289 8.94 -27.90 0.10
CA ALA A 289 7.76 -28.60 -0.43
C ALA A 289 7.92 -28.91 -1.91
N LYS A 290 8.57 -28.01 -2.64
CA LYS A 290 8.89 -28.23 -4.03
C LYS A 290 9.97 -29.31 -4.13
N GLU A 291 10.90 -29.31 -3.18
CA GLU A 291 12.04 -30.24 -3.15
C GLU A 291 11.61 -31.71 -3.09
N MET A 292 10.60 -32.02 -2.30
CA MET A 292 10.14 -33.39 -2.22
C MET A 292 9.08 -33.68 -3.26
N GLY A 293 8.96 -32.79 -4.24
CA GLY A 293 8.15 -33.03 -5.42
C GLY A 293 6.63 -32.98 -5.29
N ILE A 294 6.13 -32.29 -4.27
CA ILE A 294 4.69 -32.13 -4.12
C ILE A 294 4.20 -31.13 -5.17
N SER A 295 2.92 -31.24 -5.55
CA SER A 295 2.37 -30.36 -6.58
C SER A 295 2.06 -28.96 -6.07
N GLU A 296 2.30 -27.95 -6.92
CA GLU A 296 2.03 -26.54 -6.57
C GLU A 296 0.57 -26.32 -6.16
N GLY A 297 -0.30 -27.14 -6.75
CA GLY A 297 -1.74 -27.10 -6.44
C GLY A 297 -2.02 -27.38 -4.98
N ILE A 298 -1.22 -28.27 -4.38
CA ILE A 298 -1.40 -28.64 -3.00
C ILE A 298 -0.60 -27.76 -2.03
N TYR A 299 0.74 -27.82 -2.07
CA TYR A 299 1.56 -27.12 -1.08
C TYR A 299 1.40 -25.60 -1.12
N SER A 300 1.13 -25.09 -2.32
CA SER A 300 0.93 -23.66 -2.54
C SER A 300 -0.24 -23.07 -1.74
N PHE A 301 -1.20 -23.95 -1.41
CA PHE A 301 -2.39 -23.60 -0.67
C PHE A 301 -2.32 -24.05 0.78
N THR A 302 -1.78 -25.25 1.01
CA THR A 302 -1.70 -25.77 2.39
C THR A 302 -0.69 -25.00 3.27
N LEU A 303 0.55 -24.89 2.79
CA LEU A 303 1.62 -24.28 3.59
C LEU A 303 1.36 -22.86 4.13
N PRO A 304 0.82 -21.94 3.27
CA PRO A 304 0.56 -20.58 3.72
C PRO A 304 -0.64 -20.54 4.65
N LEU A 305 -1.64 -21.39 4.37
CA LEU A 305 -2.83 -21.45 5.23
C LEU A 305 -2.46 -22.04 6.61
N GLY A 306 -1.76 -23.18 6.59
CA GLY A 306 -1.36 -23.88 7.80
C GLY A 306 -0.35 -23.07 8.58
N ALA A 307 0.38 -22.17 7.88
CA ALA A 307 1.37 -21.29 8.50
C ALA A 307 0.76 -20.38 9.58
N THR A 308 -0.58 -20.35 9.57
CA THR A 308 -1.34 -19.53 10.51
C THR A 308 -2.36 -20.38 11.29
N ILE A 309 -3.08 -21.25 10.58
CA ILE A 309 -4.03 -22.12 11.24
C ILE A 309 -3.37 -23.21 12.10
N ASN A 310 -2.36 -23.89 11.52
CA ASN A 310 -1.69 -25.03 12.20
C ASN A 310 -0.45 -24.69 13.06
N MET A 311 -0.58 -24.82 14.39
CA MET A 311 0.53 -24.62 15.29
C MET A 311 0.56 -25.61 16.42
N ASP A 312 1.03 -26.82 16.11
CA ASP A 312 1.15 -27.93 17.08
C ASP A 312 2.06 -27.53 18.24
N GLY A 313 3.25 -27.06 17.89
CA GLY A 313 4.25 -26.62 18.87
C GLY A 313 3.72 -25.55 19.79
N THR A 314 2.94 -24.61 19.26
CA THR A 314 2.32 -23.55 20.07
C THR A 314 1.21 -24.14 20.93
N ALA A 315 0.35 -24.98 20.34
CA ALA A 315 -0.73 -25.61 21.09
C ALA A 315 -0.18 -26.41 22.29
N LEU A 316 0.89 -27.18 22.04
CA LEU A 316 1.49 -27.94 23.11
C LEU A 316 2.05 -26.97 24.15
N TYR A 317 2.83 -25.98 23.73
CA TYR A 317 3.40 -25.01 24.66
C TYR A 317 2.35 -24.38 25.57
N GLN A 318 1.16 -24.22 25.03
CA GLN A 318 0.10 -23.59 25.79
C GLN A 318 -0.47 -24.58 26.77
N GLY A 319 -0.41 -25.85 26.42
CA GLY A 319 -0.85 -26.87 27.34
C GLY A 319 0.00 -26.93 28.60
N VAL A 320 1.30 -27.11 28.42
CA VAL A 320 2.20 -27.28 29.54
C VAL A 320 2.27 -26.02 30.39
N CYS A 321 2.01 -24.86 29.78
CA CYS A 321 2.07 -23.61 30.53
C CYS A 321 0.83 -23.37 31.37
N THR A 322 -0.34 -23.65 30.81
CA THR A 322 -1.58 -23.55 31.58
C THR A 322 -1.49 -24.44 32.84
N PHE A 323 -0.65 -25.45 32.78
CA PHE A 323 -0.44 -26.29 33.93
C PHE A 323 0.64 -25.74 34.82
N PHE A 324 1.58 -25.00 34.26
CA PHE A 324 2.63 -24.42 35.08
C PHE A 324 2.05 -23.37 35.99
N ILE A 325 1.22 -22.49 35.43
CA ILE A 325 0.58 -21.42 36.19
C ILE A 325 -0.34 -22.00 37.26
N ALA A 326 -1.14 -23.00 36.89
CA ALA A 326 -2.05 -23.64 37.81
C ALA A 326 -1.33 -24.27 39.01
N ASN A 327 -0.20 -24.93 38.76
CA ASN A 327 0.59 -25.52 39.84
C ASN A 327 1.28 -24.48 40.71
N ALA A 328 1.64 -23.34 40.12
CA ALA A 328 2.29 -22.26 40.87
C ALA A 328 1.32 -21.56 41.79
N LEU A 329 0.04 -21.63 41.45
CA LEU A 329 -1.02 -21.10 42.28
C LEU A 329 -1.38 -22.07 43.38
N GLY A 330 -1.16 -23.35 43.11
CA GLY A 330 -1.36 -24.35 44.14
C GLY A 330 -2.65 -25.15 44.01
N SER A 331 -3.56 -24.70 43.15
CA SER A 331 -4.82 -25.41 42.95
C SER A 331 -4.78 -26.20 41.65
N HIS A 332 -5.15 -27.48 41.71
CA HIS A 332 -5.14 -28.36 40.54
C HIS A 332 -6.37 -28.15 39.66
N LEU A 333 -6.28 -28.57 38.41
CA LEU A 333 -7.38 -28.40 37.47
C LEU A 333 -8.16 -29.69 37.37
N THR A 334 -9.47 -29.58 37.17
CA THR A 334 -10.36 -30.72 37.15
C THR A 334 -10.17 -31.55 35.89
N VAL A 335 -10.65 -32.79 35.94
CA VAL A 335 -10.68 -33.66 34.77
C VAL A 335 -11.35 -32.92 33.61
N GLY A 336 -12.46 -32.23 33.89
CA GLY A 336 -13.22 -31.49 32.88
C GLY A 336 -12.60 -30.18 32.47
N GLN A 337 -11.76 -29.63 33.35
CA GLN A 337 -11.05 -28.39 33.05
C GLN A 337 -9.86 -28.66 32.12
N GLN A 338 -9.26 -29.84 32.26
CA GLN A 338 -8.20 -30.24 31.36
C GLN A 338 -8.76 -30.37 29.96
N LEU A 339 -9.99 -30.87 29.85
CA LEU A 339 -10.70 -30.98 28.57
C LEU A 339 -11.17 -29.63 28.05
N THR A 340 -11.28 -28.66 28.95
CA THR A 340 -11.66 -27.32 28.56
C THR A 340 -10.42 -26.56 28.10
N ILE A 341 -9.25 -27.06 28.47
CA ILE A 341 -8.01 -26.49 27.99
C ILE A 341 -7.79 -26.97 26.57
N VAL A 342 -7.91 -28.27 26.35
CA VAL A 342 -7.75 -28.83 25.01
C VAL A 342 -8.49 -28.00 23.97
N LEU A 343 -9.77 -27.73 24.24
CA LEU A 343 -10.63 -27.04 23.27
C LEU A 343 -10.32 -25.56 23.13
N THR A 344 -9.87 -24.92 24.20
CA THR A 344 -9.51 -23.50 24.14
C THR A 344 -8.13 -23.27 23.54
N ALA A 345 -7.18 -24.13 23.88
CA ALA A 345 -5.81 -24.02 23.40
C ALA A 345 -5.71 -24.24 21.90
N VAL A 346 -6.57 -25.11 21.37
CA VAL A 346 -6.67 -25.28 19.94
C VAL A 346 -7.09 -23.96 19.31
N LEU A 347 -8.15 -23.37 19.86
CA LEU A 347 -8.64 -22.10 19.35
C LEU A 347 -7.60 -21.00 19.47
N ALA A 348 -6.80 -21.08 20.53
CA ALA A 348 -5.74 -20.09 20.78
C ALA A 348 -4.58 -20.31 19.82
N SER A 349 -4.24 -21.57 19.60
CA SER A 349 -3.17 -21.91 18.68
C SER A 349 -3.51 -21.36 17.30
N ILE A 350 -4.68 -21.75 16.78
CA ILE A 350 -5.15 -21.28 15.49
C ILE A 350 -5.00 -19.79 15.45
N GLY A 351 -5.33 -19.16 16.57
CA GLY A 351 -5.31 -17.71 16.68
C GLY A 351 -3.92 -17.12 16.64
N THR A 352 -3.01 -17.77 17.36
CA THR A 352 -1.63 -17.29 17.43
C THR A 352 -1.08 -16.91 16.03
N ALA A 353 -0.39 -15.75 15.96
CA ALA A 353 0.18 -15.26 14.71
C ALA A 353 1.50 -15.95 14.35
N GLY A 354 1.78 -16.07 13.03
CA GLY A 354 3.05 -16.67 12.54
C GLY A 354 4.32 -15.85 12.82
N VAL A 355 4.27 -15.09 13.92
CA VAL A 355 5.37 -14.23 14.30
C VAL A 355 5.96 -14.62 15.68
N PRO A 356 7.27 -14.34 15.89
CA PRO A 356 7.93 -14.64 17.14
C PRO A 356 7.21 -14.09 18.35
N GLY A 357 7.14 -14.93 19.37
CA GLY A 357 6.66 -14.55 20.71
C GLY A 357 5.20 -14.20 20.72
N ALA A 358 4.44 -14.78 19.77
CA ALA A 358 3.04 -14.48 19.65
C ALA A 358 2.22 -15.53 20.37
N GLY A 359 2.81 -16.70 20.60
CA GLY A 359 2.11 -17.71 21.36
C GLY A 359 1.90 -17.33 22.82
N ALA A 360 2.92 -16.72 23.40
CA ALA A 360 2.88 -16.32 24.80
C ALA A 360 1.73 -15.36 25.06
N ILE A 361 1.51 -14.44 24.13
CA ILE A 361 0.43 -13.46 24.26
C ILE A 361 -0.91 -14.18 24.23
N MET A 362 -1.04 -15.17 23.36
CA MET A 362 -2.29 -15.89 23.21
C MET A 362 -2.55 -16.79 24.37
N LEU A 363 -1.48 -17.22 25.03
CA LEU A 363 -1.60 -18.03 26.22
C LEU A 363 -2.65 -17.47 27.18
N ALA A 364 -2.74 -16.15 27.29
CA ALA A 364 -3.70 -15.50 28.20
C ALA A 364 -5.11 -15.95 27.93
N MET A 365 -5.47 -16.04 26.64
CA MET A 365 -6.80 -16.42 26.21
C MET A 365 -7.23 -17.79 26.77
N VAL A 366 -6.28 -18.72 26.85
CA VAL A 366 -6.57 -20.06 27.34
C VAL A 366 -6.44 -20.11 28.85
N LEU A 367 -5.98 -19.01 29.44
CA LEU A 367 -5.84 -18.95 30.89
C LEU A 367 -7.15 -18.55 31.56
N GLU A 368 -7.92 -17.70 30.89
CA GLU A 368 -9.24 -17.31 31.42
C GLU A 368 -10.18 -18.51 31.44
N SER A 369 -10.09 -19.35 30.43
CA SER A 369 -11.05 -20.43 30.25
C SER A 369 -11.09 -21.45 31.39
N VAL A 370 -9.97 -21.64 32.07
CA VAL A 370 -9.91 -22.57 33.21
C VAL A 370 -10.40 -21.94 34.49
N GLY A 371 -10.07 -20.67 34.69
CA GLY A 371 -10.54 -19.93 35.84
C GLY A 371 -9.47 -19.13 36.53
N LEU A 372 -8.36 -18.86 35.84
CA LEU A 372 -7.28 -18.04 36.41
C LEU A 372 -6.83 -16.89 35.53
N PRO A 373 -7.61 -15.79 35.49
CA PRO A 373 -7.33 -14.62 34.66
C PRO A 373 -5.87 -14.17 34.76
N LEU A 374 -5.48 -13.28 33.86
CA LEU A 374 -4.11 -12.77 33.80
C LEU A 374 -3.96 -11.45 34.57
N THR A 375 -5.08 -10.91 35.06
CA THR A 375 -5.05 -9.67 35.82
C THR A 375 -4.79 -9.97 37.28
N ASP A 376 -5.08 -11.21 37.69
CA ASP A 376 -4.86 -11.67 39.07
C ASP A 376 -3.41 -11.50 39.53
N PRO A 377 -3.16 -10.52 40.40
CA PRO A 377 -1.85 -10.15 40.90
C PRO A 377 -0.79 -11.24 40.80
N ASN A 378 -1.05 -12.42 41.37
CA ASN A 378 -0.06 -13.51 41.39
C ASN A 378 0.08 -14.31 40.08
N VAL A 379 -1.06 -14.57 39.43
CA VAL A 379 -1.02 -15.24 38.15
C VAL A 379 -0.09 -14.48 37.26
N ALA A 380 -0.23 -13.17 37.26
CA ALA A 380 0.58 -12.34 36.41
C ALA A 380 2.05 -12.35 36.81
N ALA A 381 2.34 -12.70 38.06
CA ALA A 381 3.73 -12.74 38.50
C ALA A 381 4.37 -14.07 38.12
N ALA A 382 3.53 -15.08 37.89
CA ALA A 382 4.00 -16.38 37.42
C ALA A 382 4.15 -16.38 35.92
N TYR A 383 3.23 -15.73 35.23
CA TYR A 383 3.27 -15.60 33.78
C TYR A 383 4.46 -14.79 33.30
N ALA A 384 5.08 -14.04 34.21
CA ALA A 384 6.23 -13.21 33.87
C ALA A 384 7.49 -14.02 33.92
N MET A 385 7.44 -15.08 34.72
CA MET A 385 8.54 -16.00 34.77
C MET A 385 8.65 -16.72 33.43
N ILE A 386 7.53 -17.16 32.89
CA ILE A 386 7.49 -17.87 31.62
C ILE A 386 7.95 -16.96 30.51
N LEU A 387 7.48 -15.72 30.54
CA LEU A 387 7.82 -14.76 29.52
C LEU A 387 9.30 -14.50 29.43
N GLY A 388 10.02 -14.79 30.51
CA GLY A 388 11.47 -14.50 30.60
C GLY A 388 12.36 -15.46 29.84
N ILE A 389 11.85 -16.68 29.62
CA ILE A 389 12.55 -17.72 28.85
C ILE A 389 11.74 -18.05 27.65
N ASP A 390 10.87 -17.12 27.25
CA ASP A 390 9.93 -17.40 26.19
C ASP A 390 10.62 -17.67 24.84
N ALA A 391 11.66 -16.88 24.49
CA ALA A 391 12.38 -17.08 23.21
C ALA A 391 13.06 -18.44 23.12
N ILE A 392 13.46 -18.99 24.27
CA ILE A 392 13.97 -20.35 24.35
C ILE A 392 12.89 -21.36 23.97
N LEU A 393 11.74 -21.22 24.60
CA LEU A 393 10.62 -22.06 24.29
C LEU A 393 10.09 -21.78 22.88
N ASP A 394 10.12 -20.52 22.46
CA ASP A 394 9.56 -20.17 21.16
C ASP A 394 10.22 -20.90 19.99
N MET A 395 11.52 -21.12 20.09
CA MET A 395 12.28 -21.74 19.01
C MET A 395 11.72 -23.15 18.75
N GLY A 396 11.50 -23.89 19.84
CA GLY A 396 10.81 -25.18 19.82
C GLY A 396 9.39 -25.09 19.28
N CYS A 397 8.59 -24.21 19.87
CA CYS A 397 7.20 -23.96 19.45
C CYS A 397 7.11 -23.78 17.95
N THR A 398 8.05 -23.04 17.35
CA THR A 398 7.99 -22.70 15.90
C THR A 398 8.38 -23.89 15.01
N MET A 399 9.40 -24.62 15.44
CA MET A 399 9.87 -25.71 14.60
C MET A 399 8.77 -26.75 14.41
N VAL A 400 8.09 -27.07 15.50
CA VAL A 400 7.04 -28.08 15.48
C VAL A 400 5.81 -27.57 14.73
N ASN A 401 5.60 -26.26 14.80
CA ASN A 401 4.54 -25.63 14.02
C ASN A 401 4.72 -25.92 12.54
N VAL A 402 5.95 -25.68 12.06
CA VAL A 402 6.32 -25.79 10.67
C VAL A 402 6.36 -27.24 10.18
N THR A 403 7.03 -28.10 10.95
CA THR A 403 7.07 -29.52 10.63
C THR A 403 5.65 -30.01 10.30
N GLY A 404 4.71 -29.70 11.20
CA GLY A 404 3.31 -30.10 11.09
C GLY A 404 2.68 -29.69 9.77
N ASP A 405 3.14 -28.57 9.21
CA ASP A 405 2.58 -28.04 7.98
C ASP A 405 3.08 -28.85 6.79
N LEU A 406 4.35 -29.27 6.86
CA LEU A 406 4.92 -30.08 5.80
C LEU A 406 4.33 -31.47 5.89
N THR A 407 4.33 -32.03 7.09
CA THR A 407 3.72 -33.33 7.32
C THR A 407 2.34 -33.39 6.70
N GLY A 408 1.49 -32.47 7.11
CA GLY A 408 0.13 -32.42 6.61
C GLY A 408 0.08 -32.31 5.12
N THR A 409 0.91 -31.43 4.56
CA THR A 409 0.93 -31.24 3.12
C THR A 409 1.34 -32.54 2.43
N ALA A 410 2.28 -33.26 3.05
CA ALA A 410 2.80 -34.50 2.50
C ALA A 410 1.73 -35.57 2.52
N ILE A 411 1.13 -35.78 3.66
CA ILE A 411 0.11 -36.78 3.76
C ILE A 411 -1.02 -36.52 2.78
N VAL A 412 -1.50 -35.29 2.74
CA VAL A 412 -2.57 -34.93 1.81
C VAL A 412 -2.10 -35.04 0.37
N ALA A 413 -0.81 -34.85 0.14
CA ALA A 413 -0.27 -34.95 -1.19
C ALA A 413 -0.32 -36.39 -1.68
N LYS A 414 0.03 -37.34 -0.82
CA LYS A 414 0.07 -38.74 -1.20
C LYS A 414 -1.31 -39.30 -1.51
N THR A 415 -2.30 -38.98 -0.68
CA THR A 415 -3.68 -39.40 -0.95
C THR A 415 -4.25 -38.71 -2.19
N GLU A 416 -3.96 -37.43 -2.38
CA GLU A 416 -4.31 -36.69 -3.61
C GLU A 416 -5.64 -35.95 -3.48
N GLU B 9 3.87 22.59 -30.89
CA GLU B 9 4.65 23.59 -31.68
C GLU B 9 5.87 24.01 -30.88
N TYR B 10 6.89 24.54 -31.57
CA TYR B 10 8.10 25.11 -30.95
C TYR B 10 8.97 24.02 -30.27
N PRO B 11 10.31 24.25 -30.16
CA PRO B 11 11.19 23.35 -29.40
C PRO B 11 10.91 23.41 -27.89
N VAL B 12 11.17 22.31 -27.18
CA VAL B 12 10.92 22.24 -25.73
C VAL B 12 12.02 22.92 -24.90
N LEU B 13 13.28 22.75 -25.31
CA LEU B 13 14.43 23.31 -24.56
C LEU B 13 14.45 24.85 -24.62
N GLN B 14 13.88 25.39 -25.69
CA GLN B 14 13.73 26.82 -25.85
C GLN B 14 12.63 27.33 -24.94
N LYS B 15 11.47 26.67 -24.97
CA LYS B 15 10.28 27.06 -24.18
C LYS B 15 10.59 27.16 -22.68
N ILE B 16 11.34 26.19 -22.16
CA ILE B 16 11.72 26.17 -20.74
C ILE B 16 12.49 27.46 -20.39
N LEU B 17 13.56 27.76 -21.14
CA LEU B 17 14.38 28.93 -20.85
C LEU B 17 13.56 30.20 -20.79
N ILE B 18 12.56 30.29 -21.67
CA ILE B 18 11.63 31.42 -21.67
C ILE B 18 10.80 31.42 -20.38
N GLY B 19 10.25 30.26 -20.05
CA GLY B 19 9.46 30.12 -18.84
C GLY B 19 10.29 30.45 -17.62
N LEU B 20 11.53 29.96 -17.61
CA LEU B 20 12.42 30.21 -16.50
C LEU B 20 12.74 31.70 -16.36
N ILE B 21 13.20 32.34 -17.45
CA ILE B 21 13.64 33.74 -17.42
C ILE B 21 12.47 34.69 -17.21
N LEU B 22 11.41 34.49 -17.98
CA LEU B 22 10.19 35.28 -17.86
C LEU B 22 9.45 34.98 -16.55
N GLY B 23 9.60 33.75 -16.04
CA GLY B 23 9.00 33.36 -14.77
C GLY B 23 9.65 34.06 -13.60
N ALA B 24 10.98 34.02 -13.57
CA ALA B 24 11.76 34.66 -12.51
C ALA B 24 11.49 36.15 -12.44
N ILE B 25 11.17 36.74 -13.58
CA ILE B 25 10.91 38.18 -13.66
C ILE B 25 9.48 38.53 -13.26
N VAL B 26 8.50 37.74 -13.68
CA VAL B 26 7.11 37.94 -13.30
C VAL B 26 6.94 37.75 -11.79
N GLY B 27 7.78 36.90 -11.22
CA GLY B 27 7.75 36.61 -9.79
C GLY B 27 8.31 37.76 -8.99
N LEU B 28 9.56 38.10 -9.25
CA LEU B 28 10.22 39.18 -8.51
C LEU B 28 9.38 40.44 -8.49
N ILE B 29 8.79 40.78 -9.63
CA ILE B 29 7.97 41.99 -9.76
C ILE B 29 6.68 41.89 -8.95
N LEU B 30 5.88 40.85 -9.18
CA LEU B 30 4.63 40.67 -8.45
C LEU B 30 4.86 40.70 -6.94
N GLY B 31 5.91 40.06 -6.49
CA GLY B 31 6.19 39.92 -5.05
C GLY B 31 6.64 41.20 -4.38
N HIS B 32 7.39 42.02 -5.12
CA HIS B 32 7.89 43.31 -4.62
C HIS B 32 6.74 44.24 -4.29
N TYR B 33 5.60 43.99 -4.90
CA TYR B 33 4.40 44.77 -4.64
C TYR B 33 3.46 44.07 -3.66
N GLY B 34 3.95 43.01 -3.01
CA GLY B 34 3.22 42.30 -1.94
C GLY B 34 2.23 41.24 -2.39
N TYR B 35 2.22 40.94 -3.68
CA TYR B 35 1.33 39.94 -4.24
C TYR B 35 1.84 38.50 -4.03
N ALA B 36 2.72 38.32 -3.03
CA ALA B 36 3.27 37.00 -2.70
C ALA B 36 2.17 35.98 -2.42
N ASP B 37 1.02 36.47 -1.94
CA ASP B 37 -0.13 35.61 -1.66
C ASP B 37 -0.99 35.39 -2.87
N ALA B 38 -1.00 36.36 -3.77
CA ALA B 38 -1.74 36.22 -5.02
C ALA B 38 -1.06 35.22 -5.95
N VAL B 39 0.27 35.17 -5.89
CA VAL B 39 1.03 34.24 -6.72
C VAL B 39 0.86 32.82 -6.20
N LYS B 40 0.72 32.67 -4.88
CA LYS B 40 0.63 31.35 -4.24
C LYS B 40 -0.68 30.64 -4.52
N THR B 41 -1.79 31.35 -4.52
CA THR B 41 -3.08 30.71 -4.70
C THR B 41 -3.47 30.67 -6.18
N TYR B 42 -2.84 31.50 -7.00
CA TYR B 42 -3.19 31.57 -8.41
C TYR B 42 -2.17 30.91 -9.36
N VAL B 43 -0.91 31.29 -9.28
CA VAL B 43 0.10 30.82 -10.23
C VAL B 43 0.65 29.46 -9.88
N LYS B 44 1.03 29.28 -8.62
CA LYS B 44 1.71 28.07 -8.14
C LYS B 44 1.04 26.76 -8.54
N PRO B 45 -0.28 26.61 -8.32
CA PRO B 45 -0.98 25.39 -8.69
C PRO B 45 -0.45 24.70 -9.95
N PHE B 46 -0.17 25.47 -11.00
CA PHE B 46 0.35 24.91 -12.27
C PHE B 46 1.73 24.26 -12.08
N GLY B 47 2.56 24.92 -11.27
CA GLY B 47 3.87 24.42 -10.94
C GLY B 47 3.74 23.12 -10.18
N ASP B 48 2.66 22.96 -9.43
CA ASP B 48 2.43 21.74 -8.67
C ASP B 48 1.99 20.61 -9.56
N LEU B 49 1.09 20.89 -10.49
CA LEU B 49 0.64 19.90 -11.43
C LEU B 49 1.82 19.27 -12.16
N PHE B 50 2.84 20.08 -12.47
CA PHE B 50 4.08 19.60 -13.11
C PHE B 50 4.85 18.61 -12.22
N VAL B 51 4.90 18.91 -10.92
CA VAL B 51 5.59 18.08 -9.94
C VAL B 51 4.90 16.75 -9.75
N ARG B 52 3.58 16.82 -9.61
CA ARG B 52 2.75 15.66 -9.41
C ARG B 52 2.94 14.68 -10.56
N LEU B 53 2.97 15.22 -11.77
CA LEU B 53 3.09 14.43 -12.99
C LEU B 53 4.41 13.70 -13.01
N LEU B 54 5.46 14.34 -12.52
CA LEU B 54 6.80 13.73 -12.46
C LEU B 54 6.94 12.67 -11.37
N LYS B 55 6.49 13.00 -10.16
CA LYS B 55 6.40 12.02 -9.06
C LYS B 55 5.63 10.77 -9.49
N MET B 56 4.53 11.00 -10.20
CA MET B 56 3.73 9.93 -10.78
C MET B 56 4.62 8.82 -11.35
N LEU B 57 5.54 9.20 -12.23
CA LEU B 57 6.35 8.25 -12.96
C LEU B 57 7.43 7.53 -12.15
N VAL B 58 7.87 8.12 -11.03
CA VAL B 58 9.12 7.67 -10.36
C VAL B 58 9.09 6.21 -10.01
N MET B 59 8.04 5.81 -9.32
CA MET B 59 7.99 4.43 -8.94
C MET B 59 8.11 3.44 -10.10
N PRO B 60 7.15 3.45 -11.04
CA PRO B 60 7.18 2.51 -12.17
C PRO B 60 8.49 2.59 -12.93
N ILE B 61 8.88 3.79 -13.36
CA ILE B 61 10.08 3.97 -14.16
C ILE B 61 11.37 3.47 -13.50
N VAL B 62 11.47 3.64 -12.18
CA VAL B 62 12.66 3.18 -11.46
C VAL B 62 12.67 1.65 -11.39
N PHE B 63 11.56 1.08 -10.87
CA PHE B 63 11.43 -0.36 -10.66
C PHE B 63 11.63 -1.17 -11.93
N ALA B 64 10.81 -0.84 -12.93
CA ALA B 64 10.78 -1.60 -14.15
C ALA B 64 12.08 -1.51 -14.93
N SER B 65 12.75 -0.36 -14.83
CA SER B 65 14.01 -0.18 -15.54
C SER B 65 15.14 -1.02 -14.92
N LEU B 66 15.12 -1.17 -13.59
CA LEU B 66 16.21 -1.85 -12.88
C LEU B 66 16.11 -3.35 -12.97
N VAL B 67 14.88 -3.88 -13.01
CA VAL B 67 14.67 -5.30 -13.22
C VAL B 67 15.28 -5.68 -14.57
N VAL B 68 15.01 -4.88 -15.60
CA VAL B 68 15.57 -5.08 -16.94
C VAL B 68 17.08 -4.78 -16.99
N GLY B 69 17.49 -3.81 -16.18
CA GLY B 69 18.88 -3.41 -16.08
C GLY B 69 19.68 -4.47 -15.38
N ALA B 70 19.20 -4.95 -14.25
CA ALA B 70 19.93 -5.97 -13.49
C ALA B 70 19.95 -7.27 -14.24
N ALA B 71 18.88 -7.51 -15.01
CA ALA B 71 18.82 -8.70 -15.84
C ALA B 71 19.74 -8.57 -17.06
N SER B 72 19.92 -7.34 -17.53
CA SER B 72 20.76 -7.04 -18.69
C SER B 72 22.25 -7.36 -18.45
N ILE B 73 22.83 -6.71 -17.46
CA ILE B 73 24.26 -6.74 -17.25
C ILE B 73 24.70 -7.89 -16.33
N SER B 74 26.01 -8.14 -16.31
CA SER B 74 26.63 -9.20 -15.50
C SER B 74 26.47 -8.91 -14.01
N PRO B 75 26.28 -9.96 -13.19
CA PRO B 75 26.11 -9.75 -11.76
C PRO B 75 27.37 -9.20 -11.10
N ALA B 76 28.51 -9.53 -11.67
CA ALA B 76 29.76 -9.05 -11.13
C ALA B 76 30.01 -7.63 -11.62
N ARG B 77 29.60 -7.36 -12.85
CA ARG B 77 29.72 -6.04 -13.44
C ARG B 77 28.97 -5.05 -12.56
N LEU B 78 27.67 -5.29 -12.40
CA LEU B 78 26.78 -4.43 -11.60
C LEU B 78 27.41 -4.18 -10.24
N GLY B 79 28.05 -5.22 -9.70
CA GLY B 79 28.75 -5.13 -8.41
C GLY B 79 29.94 -4.20 -8.47
N ARG B 80 30.66 -4.25 -9.58
CA ARG B 80 31.81 -3.37 -9.78
C ARG B 80 31.32 -1.95 -9.96
N VAL B 81 30.31 -1.78 -10.80
CA VAL B 81 29.70 -0.48 -11.05
C VAL B 81 29.34 0.16 -9.73
N GLY B 82 28.83 -0.64 -8.81
CA GLY B 82 28.44 -0.17 -7.50
C GLY B 82 29.60 0.37 -6.70
N VAL B 83 30.70 -0.37 -6.67
CA VAL B 83 31.86 0.02 -5.87
C VAL B 83 32.47 1.29 -6.41
N LYS B 84 32.41 1.43 -7.73
CA LYS B 84 32.97 2.60 -8.39
C LYS B 84 32.13 3.83 -8.12
N ILE B 85 30.84 3.73 -8.37
CA ILE B 85 29.94 4.88 -8.24
C ILE B 85 29.84 5.38 -6.80
N VAL B 86 30.00 4.49 -5.83
CA VAL B 86 29.99 4.84 -4.40
C VAL B 86 31.27 5.60 -4.05
N VAL B 87 32.41 5.09 -4.53
CA VAL B 87 33.70 5.76 -4.34
C VAL B 87 33.65 7.16 -4.92
N TYR B 88 33.03 7.28 -6.09
CA TYR B 88 32.89 8.55 -6.76
C TYR B 88 32.06 9.53 -5.93
N TYR B 89 30.86 9.10 -5.53
CA TYR B 89 29.92 9.95 -4.77
C TYR B 89 30.57 10.53 -3.49
N LEU B 90 31.29 9.67 -2.76
CA LEU B 90 31.92 10.04 -1.51
C LEU B 90 32.97 11.08 -1.77
N LEU B 91 33.81 10.84 -2.76
CA LEU B 91 34.89 11.78 -3.07
C LEU B 91 34.39 13.11 -3.62
N THR B 92 33.24 13.09 -4.30
CA THR B 92 32.63 14.32 -4.81
C THR B 92 32.06 15.15 -3.67
N SER B 93 31.17 14.53 -2.90
CA SER B 93 30.53 15.20 -1.77
C SER B 93 31.60 15.79 -0.78
N ALA B 94 32.70 15.04 -0.56
CA ALA B 94 33.74 15.49 0.37
C ALA B 94 34.48 16.68 -0.20
N PHE B 95 34.63 16.69 -1.51
CA PHE B 95 35.26 17.82 -2.17
C PHE B 95 34.30 19.02 -2.21
N ALA B 96 33.01 18.75 -2.18
CA ALA B 96 32.02 19.81 -2.29
C ALA B 96 31.92 20.64 -1.03
N VAL B 97 32.14 19.99 0.12
CA VAL B 97 32.09 20.68 1.40
C VAL B 97 33.30 21.61 1.49
N THR B 98 34.47 21.06 1.17
CA THR B 98 35.72 21.82 1.21
C THR B 98 35.73 22.95 0.20
N LEU B 99 34.94 22.82 -0.85
CA LEU B 99 34.81 23.87 -1.84
C LEU B 99 33.88 24.95 -1.31
N GLY B 100 32.96 24.55 -0.44
CA GLY B 100 32.03 25.49 0.20
C GLY B 100 32.70 26.28 1.30
N ILE B 101 33.47 25.58 2.13
CA ILE B 101 34.23 26.20 3.19
C ILE B 101 35.13 27.31 2.61
N ILE B 102 35.86 26.97 1.55
CA ILE B 102 36.74 27.93 0.88
C ILE B 102 35.96 29.08 0.26
N MET B 103 34.66 28.92 0.12
CA MET B 103 33.83 30.00 -0.35
C MET B 103 33.34 30.82 0.82
N ALA B 104 33.29 30.20 1.99
CA ALA B 104 32.78 30.87 3.19
C ALA B 104 33.86 31.64 3.92
N ARG B 105 35.10 31.36 3.58
CA ARG B 105 36.22 32.10 4.10
C ARG B 105 36.55 33.20 3.11
N LEU B 106 36.29 32.94 1.83
CA LEU B 106 36.52 33.93 0.79
C LEU B 106 35.54 35.07 0.97
N PHE B 107 34.26 34.76 0.89
CA PHE B 107 33.25 35.71 1.28
C PHE B 107 33.12 35.59 2.77
N ASN B 108 32.57 36.63 3.41
CA ASN B 108 32.25 36.53 4.82
C ASN B 108 30.79 36.83 5.05
N PRO B 109 29.97 35.79 5.09
CA PRO B 109 28.54 35.91 5.30
C PRO B 109 28.21 36.00 6.78
N GLY B 110 27.58 37.11 7.17
CA GLY B 110 27.21 37.36 8.55
C GLY B 110 28.41 37.67 9.43
N ALA B 111 29.35 38.46 8.90
CA ALA B 111 30.59 38.81 9.60
C ALA B 111 30.34 39.78 10.76
N GLY B 112 29.75 40.93 10.44
CA GLY B 112 29.47 41.95 11.46
C GLY B 112 27.99 42.11 11.75
N ILE B 113 27.24 41.02 11.70
CA ILE B 113 25.79 41.05 11.95
C ILE B 113 25.44 40.62 13.37
N HIS B 114 24.53 41.36 14.01
CA HIS B 114 23.99 40.99 15.34
C HIS B 114 22.46 40.90 15.29
N LEU B 115 21.92 39.73 15.65
CA LEU B 115 20.52 39.42 15.36
C LEU B 115 19.62 39.53 16.57
N ALA B 116 18.33 39.74 16.33
CA ALA B 116 17.33 39.83 17.38
C ALA B 116 17.01 38.45 17.95
N VAL B 117 17.55 38.16 19.13
CA VAL B 117 17.43 36.82 19.71
C VAL B 117 16.04 36.56 20.29
N GLY B 118 15.67 35.30 20.38
CA GLY B 118 14.44 34.89 21.07
C GLY B 118 13.23 34.80 20.17
N GLY B 119 13.43 35.21 18.92
CA GLY B 119 12.35 35.26 17.94
C GLY B 119 11.68 33.93 17.69
N GLN B 120 12.50 32.90 17.49
CA GLN B 120 11.99 31.57 17.15
C GLN B 120 12.93 30.47 17.68
N GLN B 121 12.40 29.52 18.45
CA GLN B 121 13.17 28.34 18.91
C GLN B 121 12.84 27.12 18.06
N PHE B 122 13.86 26.33 17.73
CA PHE B 122 13.66 25.17 16.88
C PHE B 122 13.78 23.85 17.62
N GLN B 123 13.11 22.83 17.08
CA GLN B 123 12.99 21.53 17.74
C GLN B 123 13.83 20.45 17.06
N PRO B 124 14.75 19.82 17.84
CA PRO B 124 15.65 18.79 17.30
C PRO B 124 14.92 17.45 17.04
N LYS B 125 15.00 16.95 15.81
CA LYS B 125 14.38 15.66 15.46
C LYS B 125 15.41 14.53 15.67
N GLN B 126 15.22 13.74 16.74
CA GLN B 126 16.16 12.66 17.09
C GLN B 126 16.31 11.61 15.97
N ALA B 127 17.54 11.51 15.43
CA ALA B 127 17.88 10.56 14.34
C ALA B 127 17.84 9.08 14.81
N PRO B 128 17.53 8.15 13.87
CA PRO B 128 17.55 6.72 14.19
C PRO B 128 18.97 6.13 14.00
N PRO B 129 19.24 4.98 14.63
CA PRO B 129 20.54 4.30 14.63
C PRO B 129 20.98 3.91 13.24
N LEU B 130 22.27 3.98 12.97
CA LEU B 130 22.77 3.63 11.66
C LEU B 130 22.36 2.21 11.26
N VAL B 131 22.51 1.28 12.19
CA VAL B 131 22.12 -0.11 11.97
C VAL B 131 20.70 -0.21 11.39
N LYS B 132 19.73 0.38 12.09
CA LYS B 132 18.34 0.39 11.65
C LYS B 132 18.16 0.91 10.20
N ILE B 133 18.92 1.93 9.82
CA ILE B 133 18.83 2.51 8.48
C ILE B 133 19.36 1.56 7.44
N LEU B 134 20.40 0.82 7.78
CA LEU B 134 21.01 -0.10 6.84
C LEU B 134 20.18 -1.34 6.60
N LEU B 135 19.63 -1.92 7.68
CA LEU B 135 18.79 -3.12 7.54
C LEU B 135 17.47 -2.80 6.87
N ASP B 136 17.13 -1.51 6.85
CA ASP B 136 15.88 -1.03 6.25
C ASP B 136 16.01 -0.75 4.77
N ILE B 137 17.15 -1.10 4.20
CA ILE B 137 17.33 -1.06 2.77
C ILE B 137 16.72 -2.35 2.24
N VAL B 138 16.81 -3.42 3.02
CA VAL B 138 16.20 -4.69 2.62
C VAL B 138 14.75 -4.71 3.06
N PRO B 139 13.82 -4.64 2.08
CA PRO B 139 12.39 -4.44 2.40
C PRO B 139 11.77 -5.76 2.79
N THR B 140 10.78 -5.73 3.69
CA THR B 140 10.12 -6.98 4.12
C THR B 140 8.89 -7.29 3.27
N ASN B 141 8.55 -6.36 2.37
CA ASN B 141 7.48 -6.60 1.40
C ASN B 141 7.65 -5.68 0.23
N PRO B 142 8.12 -6.22 -0.91
CA PRO B 142 8.37 -5.43 -2.12
C PRO B 142 7.15 -4.59 -2.58
N PHE B 143 5.97 -5.21 -2.45
CA PHE B 143 4.73 -4.59 -2.85
C PHE B 143 4.48 -3.38 -2.02
N GLY B 144 4.84 -3.47 -0.76
CA GLY B 144 4.73 -2.32 0.14
C GLY B 144 5.67 -1.18 -0.21
N ALA B 145 6.87 -1.56 -0.60
CA ALA B 145 7.90 -0.60 -0.97
C ALA B 145 7.31 0.26 -2.04
N LEU B 146 7.09 -0.38 -3.20
CA LEU B 146 6.47 0.28 -4.34
C LEU B 146 5.25 1.09 -3.92
N ALA B 147 4.27 0.39 -3.31
CA ALA B 147 3.04 0.99 -2.90
C ALA B 147 3.25 2.39 -2.31
N ASN B 148 4.18 2.53 -1.37
CA ASN B 148 4.43 3.88 -0.76
C ASN B 148 5.88 4.40 -0.91
N GLY B 149 6.17 5.16 -1.97
CA GLY B 149 7.52 5.73 -2.22
C GLY B 149 8.60 4.68 -2.12
N GLN B 150 9.59 4.91 -1.23
CA GLN B 150 10.64 3.90 -0.85
C GLN B 150 11.49 3.44 -2.01
N VAL B 151 12.36 4.35 -2.43
CA VAL B 151 13.14 4.15 -3.64
C VAL B 151 14.24 3.10 -3.46
N LEU B 152 14.96 3.20 -2.34
CA LEU B 152 16.12 2.34 -2.04
C LEU B 152 15.75 0.88 -1.81
N PRO B 153 14.76 0.64 -0.95
CA PRO B 153 14.27 -0.75 -0.84
C PRO B 153 13.90 -1.36 -2.20
N THR B 154 13.24 -0.55 -3.06
CA THR B 154 12.80 -0.98 -4.39
C THR B 154 14.05 -1.29 -5.20
N ILE B 155 15.05 -0.43 -5.13
CA ILE B 155 16.32 -0.65 -5.79
C ILE B 155 16.86 -2.02 -5.47
N PHE B 156 16.88 -2.38 -4.18
CA PHE B 156 17.39 -3.69 -3.72
C PHE B 156 16.64 -4.88 -4.35
N PHE B 157 15.32 -4.90 -4.14
CA PHE B 157 14.48 -5.94 -4.69
C PHE B 157 14.62 -6.06 -6.20
N ALA B 158 14.49 -4.94 -6.90
CA ALA B 158 14.60 -4.91 -8.37
C ALA B 158 15.86 -5.59 -8.90
N ILE B 159 17.01 -5.29 -8.28
CA ILE B 159 18.27 -5.91 -8.67
C ILE B 159 18.24 -7.41 -8.41
N ILE B 160 17.74 -7.77 -7.24
CA ILE B 160 17.61 -9.17 -6.87
C ILE B 160 16.74 -9.88 -7.90
N LEU B 161 15.54 -9.35 -8.15
CA LEU B 161 14.66 -9.93 -9.14
C LEU B 161 15.30 -9.95 -10.51
N GLY B 162 15.96 -8.87 -10.86
CA GLY B 162 16.68 -8.80 -12.11
C GLY B 162 17.65 -9.96 -12.30
N ILE B 163 18.52 -10.17 -11.31
CA ILE B 163 19.49 -11.26 -11.35
C ILE B 163 18.78 -12.59 -11.35
N ALA B 164 17.63 -12.68 -10.70
CA ALA B 164 16.89 -13.93 -10.67
C ALA B 164 16.37 -14.31 -12.04
N ILE B 165 15.83 -13.34 -12.77
CA ILE B 165 15.31 -13.58 -14.11
C ILE B 165 16.44 -14.12 -15.02
N THR B 166 17.63 -13.53 -14.91
CA THR B 166 18.82 -13.97 -15.66
C THR B 166 19.11 -15.46 -15.46
N TYR B 167 19.18 -15.92 -14.20
CA TYR B 167 19.45 -17.31 -13.90
C TYR B 167 18.35 -18.23 -14.37
N LEU B 168 17.17 -17.67 -14.64
CA LEU B 168 16.08 -18.45 -15.17
C LEU B 168 16.17 -18.56 -16.69
N MET B 169 17.04 -17.74 -17.30
CA MET B 169 17.27 -17.79 -18.74
C MET B 169 18.15 -18.99 -19.11
N ASN B 170 19.06 -19.36 -18.21
CA ASN B 170 20.02 -20.43 -18.45
C ASN B 170 19.50 -21.82 -18.09
N SER B 171 18.30 -21.88 -17.54
CA SER B 171 17.73 -23.16 -17.12
C SER B 171 17.54 -24.10 -18.30
N GLU B 172 17.64 -25.39 -18.01
CA GLU B 172 17.50 -26.43 -19.02
C GLU B 172 16.06 -26.52 -19.50
N ASN B 173 15.12 -26.19 -18.61
CA ASN B 173 13.69 -26.29 -18.92
C ASN B 173 13.25 -25.30 -20.02
N GLU B 174 12.21 -25.70 -20.76
CA GLU B 174 11.60 -24.82 -21.76
C GLU B 174 10.56 -23.92 -21.11
N LYS B 175 9.67 -24.50 -20.30
CA LYS B 175 8.57 -23.76 -19.67
C LYS B 175 9.03 -22.71 -18.64
N VAL B 176 10.24 -22.90 -18.08
CA VAL B 176 10.83 -21.95 -17.15
C VAL B 176 11.45 -20.79 -17.91
N ARG B 177 12.24 -21.09 -18.93
CA ARG B 177 12.89 -20.09 -19.75
C ARG B 177 11.90 -19.18 -20.46
N LYS B 178 10.70 -19.69 -20.74
CA LYS B 178 9.65 -18.93 -21.43
C LYS B 178 8.92 -18.01 -20.48
N SER B 179 8.56 -18.54 -19.31
CA SER B 179 7.89 -17.72 -18.32
C SER B 179 8.80 -16.58 -17.85
N ALA B 180 10.10 -16.85 -17.75
CA ALA B 180 11.05 -15.83 -17.34
C ALA B 180 11.17 -14.75 -18.39
N GLU B 181 11.15 -15.16 -19.64
CA GLU B 181 11.16 -14.23 -20.75
C GLU B 181 9.93 -13.30 -20.71
N THR B 182 8.76 -13.91 -20.56
CA THR B 182 7.48 -13.21 -20.54
C THR B 182 7.45 -12.10 -19.47
N LEU B 183 7.78 -12.47 -18.23
CA LEU B 183 7.85 -11.52 -17.13
C LEU B 183 8.75 -10.36 -17.55
N LEU B 184 10.00 -10.66 -17.92
CA LEU B 184 10.96 -9.62 -18.26
C LEU B 184 10.42 -8.68 -19.31
N ASP B 185 9.80 -9.24 -20.34
CA ASP B 185 9.27 -8.44 -21.44
C ASP B 185 8.23 -7.46 -20.96
N ALA B 186 7.22 -7.96 -20.25
CA ALA B 186 6.13 -7.12 -19.75
C ALA B 186 6.66 -6.00 -18.87
N ILE B 187 7.58 -6.34 -17.97
CA ILE B 187 8.22 -5.37 -17.06
C ILE B 187 8.93 -4.30 -17.86
N ASN B 188 9.56 -4.74 -18.95
CA ASN B 188 10.21 -3.83 -19.87
C ASN B 188 9.21 -2.99 -20.64
N GLY B 189 8.04 -3.56 -20.87
CA GLY B 189 6.95 -2.82 -21.48
C GLY B 189 6.65 -1.59 -20.67
N LEU B 190 6.43 -1.80 -19.37
CA LEU B 190 6.20 -0.71 -18.47
C LEU B 190 7.33 0.31 -18.58
N ALA B 191 8.56 -0.16 -18.42
CA ALA B 191 9.75 0.71 -18.49
C ALA B 191 9.73 1.63 -19.71
N GLU B 192 9.63 1.00 -20.87
CA GLU B 192 9.58 1.72 -22.16
C GLU B 192 8.44 2.74 -22.16
N ALA B 193 7.28 2.33 -21.67
CA ALA B 193 6.10 3.19 -21.66
C ALA B 193 6.31 4.42 -20.80
N MET B 194 7.03 4.23 -19.69
CA MET B 194 7.27 5.30 -18.70
C MET B 194 8.16 6.41 -19.24
N TYR B 195 9.13 6.03 -20.05
CA TYR B 195 10.00 7.00 -20.66
C TYR B 195 9.23 7.83 -21.69
N LYS B 196 8.23 7.21 -22.32
CA LYS B 196 7.44 7.90 -23.32
C LYS B 196 6.55 8.91 -22.64
N ILE B 197 6.11 8.58 -21.45
CA ILE B 197 5.34 9.51 -20.66
C ILE B 197 6.16 10.77 -20.35
N VAL B 198 7.41 10.58 -19.94
CA VAL B 198 8.24 11.71 -19.50
C VAL B 198 8.35 12.76 -20.58
N ASN B 199 8.19 12.34 -21.83
CA ASN B 199 8.22 13.26 -22.97
C ASN B 199 7.02 14.18 -22.89
N GLY B 200 5.84 13.59 -22.84
CA GLY B 200 4.59 14.33 -22.78
C GLY B 200 4.51 15.25 -21.59
N VAL B 201 5.09 14.81 -20.47
CA VAL B 201 5.12 15.61 -19.26
C VAL B 201 6.10 16.74 -19.46
N MET B 202 7.22 16.45 -20.11
CA MET B 202 8.19 17.49 -20.40
C MET B 202 7.61 18.56 -21.30
N GLN B 203 6.45 18.28 -21.87
CA GLN B 203 5.75 19.24 -22.73
C GLN B 203 5.06 20.31 -21.87
N TYR B 204 4.64 19.91 -20.69
CA TYR B 204 4.00 20.82 -19.79
C TYR B 204 5.06 21.50 -18.94
N ALA B 205 6.31 21.18 -19.20
CA ALA B 205 7.41 21.68 -18.38
C ALA B 205 7.48 23.21 -18.34
N PRO B 206 7.49 23.85 -19.51
CA PRO B 206 7.57 25.30 -19.55
C PRO B 206 6.51 25.97 -18.67
N ILE B 207 5.24 25.57 -18.80
CA ILE B 207 4.17 26.16 -18.00
C ILE B 207 4.46 25.95 -16.52
N GLY B 208 4.82 24.71 -16.16
CA GLY B 208 5.15 24.39 -14.79
C GLY B 208 6.35 25.19 -14.32
N VAL B 209 7.41 25.16 -15.10
CA VAL B 209 8.64 25.86 -14.75
C VAL B 209 8.34 27.33 -14.51
N PHE B 210 7.60 27.96 -15.41
CA PHE B 210 7.22 29.37 -15.24
C PHE B 210 6.67 29.60 -13.83
N ALA B 211 5.67 28.79 -13.47
CA ALA B 211 4.93 28.95 -12.23
C ALA B 211 5.80 28.69 -11.03
N LEU B 212 6.55 27.61 -11.10
CA LEU B 212 7.39 27.21 -9.99
C LEU B 212 8.37 28.29 -9.54
N ILE B 213 9.00 29.00 -10.48
CA ILE B 213 9.95 30.07 -10.10
C ILE B 213 9.16 31.31 -9.77
N ALA B 214 8.05 31.50 -10.46
CA ALA B 214 7.14 32.60 -10.13
C ALA B 214 6.78 32.62 -8.64
N TYR B 215 6.65 31.43 -8.06
CA TYR B 215 6.30 31.31 -6.67
C TYR B 215 7.51 31.51 -5.78
N VAL B 216 8.59 30.81 -6.08
CA VAL B 216 9.79 30.91 -5.25
C VAL B 216 10.28 32.34 -5.20
N MET B 217 10.30 33.02 -6.34
CA MET B 217 10.82 34.38 -6.39
C MET B 217 9.94 35.41 -5.71
N ALA B 218 8.63 35.21 -5.81
CA ALA B 218 7.69 36.10 -5.16
C ALA B 218 7.65 35.89 -3.64
N GLU B 219 8.01 34.69 -3.21
CA GLU B 219 7.90 34.31 -1.81
C GLU B 219 9.16 34.63 -1.04
N GLN B 220 10.31 34.48 -1.69
CA GLN B 220 11.59 34.66 -1.01
C GLN B 220 12.60 35.46 -1.79
N GLY B 221 12.18 36.01 -2.93
CA GLY B 221 13.08 36.80 -3.75
C GLY B 221 13.48 38.09 -3.08
N VAL B 222 12.47 38.80 -2.58
CA VAL B 222 12.67 40.11 -1.98
C VAL B 222 13.44 40.04 -0.66
N LYS B 223 13.59 38.84 -0.11
CA LYS B 223 14.31 38.71 1.14
C LYS B 223 15.79 38.52 0.88
N VAL B 224 16.16 38.41 -0.38
CA VAL B 224 17.56 38.19 -0.75
C VAL B 224 18.31 39.50 -0.77
N VAL B 225 18.46 40.11 0.40
CA VAL B 225 19.20 41.37 0.55
C VAL B 225 20.08 41.31 1.79
N GLY B 226 21.02 42.24 1.89
CA GLY B 226 21.90 42.32 3.05
C GLY B 226 22.74 41.07 3.18
N GLU B 227 23.07 40.74 4.42
CA GLU B 227 23.90 39.58 4.68
C GLU B 227 23.33 38.32 4.05
N LEU B 228 22.02 38.31 3.85
CA LEU B 228 21.35 37.18 3.21
C LEU B 228 21.67 37.12 1.72
N ALA B 229 22.05 38.25 1.16
CA ALA B 229 22.47 38.28 -0.21
C ALA B 229 23.87 37.70 -0.33
N LYS B 230 24.74 38.05 0.63
CA LYS B 230 26.15 37.64 0.60
C LYS B 230 26.31 36.14 0.75
N VAL B 231 25.52 35.54 1.63
CA VAL B 231 25.54 34.10 1.76
C VAL B 231 24.99 33.44 0.50
N THR B 232 24.01 34.09 -0.15
CA THR B 232 23.40 33.56 -1.38
C THR B 232 24.41 33.50 -2.54
N ALA B 233 25.18 34.56 -2.70
CA ALA B 233 26.24 34.59 -3.69
C ALA B 233 27.29 33.55 -3.35
N ALA B 234 27.63 33.45 -2.07
CA ALA B 234 28.62 32.50 -1.60
C ALA B 234 28.29 31.08 -2.00
N VAL B 235 27.02 30.72 -1.91
CA VAL B 235 26.56 29.38 -2.27
C VAL B 235 26.58 29.19 -3.77
N TYR B 236 25.94 30.12 -4.49
CA TYR B 236 25.86 30.01 -5.92
C TYR B 236 27.24 30.03 -6.64
N VAL B 237 28.12 30.94 -6.22
CA VAL B 237 29.48 31.00 -6.75
C VAL B 237 30.17 29.65 -6.55
N GLY B 238 30.06 29.11 -5.35
CA GLY B 238 30.62 27.82 -5.05
C GLY B 238 30.05 26.73 -5.93
N LEU B 239 28.72 26.64 -5.98
CA LEU B 239 28.06 25.66 -6.83
C LEU B 239 28.61 25.73 -8.24
N THR B 240 28.67 26.95 -8.78
CA THR B 240 29.23 27.17 -10.09
C THR B 240 30.63 26.55 -10.20
N LEU B 241 31.46 26.73 -9.17
CA LEU B 241 32.81 26.17 -9.16
C LEU B 241 32.82 24.67 -9.02
N GLN B 242 31.75 24.10 -8.49
CA GLN B 242 31.64 22.66 -8.40
C GLN B 242 31.44 22.08 -9.79
N ILE B 243 30.68 22.78 -10.62
CA ILE B 243 30.40 22.34 -11.97
C ILE B 243 31.67 22.45 -12.81
N LEU B 244 32.25 23.65 -12.88
CA LEU B 244 33.42 23.92 -13.72
C LEU B 244 34.67 23.26 -13.18
N LEU B 245 34.89 23.37 -11.88
CA LEU B 245 36.12 22.90 -11.31
C LEU B 245 36.10 21.42 -10.92
N VAL B 246 34.95 20.76 -10.97
CA VAL B 246 34.89 19.34 -10.58
C VAL B 246 34.29 18.42 -11.63
N TYR B 247 33.22 18.87 -12.27
CA TYR B 247 32.58 18.08 -13.31
C TYR B 247 33.29 18.25 -14.66
N PHE B 248 33.34 19.49 -15.15
CA PHE B 248 34.03 19.80 -16.38
C PHE B 248 35.45 19.28 -16.37
N VAL B 249 36.06 19.20 -15.20
CA VAL B 249 37.40 18.66 -15.08
C VAL B 249 37.40 17.13 -15.11
N LEU B 250 36.62 16.49 -14.25
CA LEU B 250 36.57 15.03 -14.23
C LEU B 250 36.00 14.44 -15.51
N LEU B 251 35.23 15.23 -16.24
CA LEU B 251 34.72 14.79 -17.51
C LEU B 251 35.81 14.81 -18.61
N LYS B 252 36.60 15.88 -18.66
CA LYS B 252 37.70 15.97 -19.60
C LYS B 252 38.68 14.84 -19.36
N ILE B 253 39.00 14.59 -18.09
CA ILE B 253 39.96 13.57 -17.73
C ILE B 253 39.54 12.21 -18.22
N TYR B 254 38.25 11.94 -18.22
CA TYR B 254 37.76 10.64 -18.62
C TYR B 254 37.35 10.54 -20.09
N GLY B 255 37.59 11.62 -20.82
CA GLY B 255 37.36 11.60 -22.25
C GLY B 255 35.92 11.78 -22.62
N ILE B 256 35.21 12.62 -21.87
CA ILE B 256 33.84 12.97 -22.19
C ILE B 256 33.77 14.46 -22.44
N ASP B 257 33.25 14.84 -23.60
CA ASP B 257 33.13 16.24 -23.93
C ASP B 257 32.14 16.90 -23.01
N PRO B 258 32.62 17.84 -22.20
CA PRO B 258 31.82 18.47 -21.19
C PRO B 258 30.67 19.25 -21.78
N ILE B 259 30.89 19.88 -22.91
CA ILE B 259 29.88 20.76 -23.50
C ILE B 259 28.64 20.03 -24.01
N SER B 260 28.84 18.91 -24.70
CA SER B 260 27.69 18.15 -25.19
C SER B 260 27.12 17.26 -24.08
N PHE B 261 27.77 17.27 -22.92
CA PHE B 261 27.22 16.63 -21.73
C PHE B 261 26.21 17.54 -21.07
N ILE B 262 26.51 18.84 -21.05
CA ILE B 262 25.59 19.85 -20.55
C ILE B 262 24.42 19.97 -21.52
N LYS B 263 24.67 19.77 -22.81
CA LYS B 263 23.60 19.87 -23.80
C LYS B 263 22.56 18.76 -23.63
N LYS B 264 23.03 17.56 -23.28
CA LYS B 264 22.17 16.37 -23.13
C LYS B 264 21.47 16.30 -21.78
N ALA B 265 22.11 16.84 -20.75
CA ALA B 265 21.55 16.85 -19.40
C ALA B 265 20.93 18.20 -19.03
N LYS B 266 20.39 18.91 -20.04
CA LYS B 266 19.80 20.25 -19.87
C LYS B 266 18.43 20.16 -19.19
N ASP B 267 17.57 19.29 -19.72
CA ASP B 267 16.22 19.07 -19.17
C ASP B 267 16.24 18.58 -17.71
N ALA B 268 17.24 17.76 -17.39
CA ALA B 268 17.39 17.24 -16.04
C ALA B 268 17.80 18.36 -15.12
N MET B 269 18.83 19.10 -15.49
CA MET B 269 19.34 20.19 -14.67
C MET B 269 18.29 21.27 -14.37
N LEU B 270 17.50 21.61 -15.40
CA LEU B 270 16.47 22.65 -15.26
C LEU B 270 15.24 22.19 -14.47
N THR B 271 14.79 20.96 -14.71
CA THR B 271 13.71 20.38 -13.92
C THR B 271 14.15 20.37 -12.46
N ALA B 272 15.33 19.79 -12.21
CA ALA B 272 15.95 19.74 -10.87
C ALA B 272 15.91 21.11 -10.19
N PHE B 273 16.56 22.10 -10.81
CA PHE B 273 16.61 23.49 -10.30
C PHE B 273 15.22 24.08 -9.95
N VAL B 274 14.28 23.97 -10.89
CA VAL B 274 12.96 24.51 -10.71
C VAL B 274 12.20 23.71 -9.67
N THR B 275 12.18 22.39 -9.84
CA THR B 275 11.36 21.52 -9.01
C THR B 275 11.80 21.46 -7.53
N ARG B 276 13.12 21.44 -7.33
CA ARG B 276 13.75 21.36 -5.99
C ARG B 276 13.70 19.96 -5.40
N SER B 277 13.18 19.03 -6.18
CA SER B 277 13.13 17.65 -5.76
C SER B 277 14.09 16.80 -6.57
N SER B 278 15.19 16.45 -5.89
CA SER B 278 16.18 15.56 -6.47
C SER B 278 15.51 14.24 -6.97
N SER B 279 14.56 13.77 -6.16
CA SER B 279 13.85 12.52 -6.42
C SER B 279 12.75 12.70 -7.48
N GLY B 280 12.01 13.82 -7.37
CA GLY B 280 10.95 14.16 -8.32
C GLY B 280 11.43 14.34 -9.76
N THR B 281 12.71 14.67 -9.91
CA THR B 281 13.29 14.86 -11.25
C THR B 281 13.79 13.54 -11.84
N LEU B 282 13.93 12.55 -10.98
CA LEU B 282 14.52 11.27 -11.34
C LEU B 282 14.06 10.66 -12.72
N PRO B 283 12.75 10.76 -13.05
CA PRO B 283 12.37 10.22 -14.37
C PRO B 283 12.93 11.03 -15.53
N VAL B 284 13.13 12.34 -15.32
CA VAL B 284 13.73 13.21 -16.34
C VAL B 284 15.21 12.90 -16.44
N THR B 285 15.89 12.86 -15.29
CA THR B 285 17.32 12.56 -15.24
C THR B 285 17.66 11.12 -15.68
N MET B 286 16.66 10.24 -15.61
CA MET B 286 16.83 8.88 -16.09
C MET B 286 16.68 8.83 -17.59
N ARG B 287 15.75 9.61 -18.12
CA ARG B 287 15.61 9.72 -19.58
C ARG B 287 16.89 10.29 -20.16
N VAL B 288 17.30 11.46 -19.69
CA VAL B 288 18.56 12.07 -20.12
C VAL B 288 19.75 11.11 -20.08
N ALA B 289 19.72 10.13 -19.18
CA ALA B 289 20.76 9.09 -19.13
C ALA B 289 20.63 8.14 -20.32
N LYS B 290 19.40 7.87 -20.72
CA LYS B 290 19.13 7.07 -21.90
C LYS B 290 19.53 7.85 -23.15
N GLU B 291 19.30 9.17 -23.12
CA GLU B 291 19.57 10.08 -24.24
C GLU B 291 21.04 10.07 -24.67
N MET B 292 21.95 10.08 -23.71
CA MET B 292 23.36 10.05 -24.05
C MET B 292 23.88 8.63 -24.20
N GLY B 293 22.96 7.68 -24.30
CA GLY B 293 23.28 6.31 -24.68
C GLY B 293 23.97 5.43 -23.66
N ILE B 294 23.84 5.76 -22.37
CA ILE B 294 24.41 4.92 -21.33
C ILE B 294 23.55 3.65 -21.19
N SER B 295 24.15 2.57 -20.71
CA SER B 295 23.43 1.29 -20.60
C SER B 295 22.50 1.25 -19.41
N GLU B 296 21.33 0.61 -19.59
CA GLU B 296 20.32 0.48 -18.51
C GLU B 296 20.91 -0.19 -17.27
N GLY B 297 21.89 -1.07 -17.51
CA GLY B 297 22.59 -1.77 -16.42
C GLY B 297 23.28 -0.82 -15.48
N ILE B 298 23.80 0.28 -16.03
CA ILE B 298 24.51 1.26 -15.23
C ILE B 298 23.59 2.37 -14.67
N TYR B 299 23.00 3.20 -15.54
CA TYR B 299 22.24 4.36 -15.07
C TYR B 299 21.01 3.98 -14.26
N SER B 300 20.43 2.84 -14.59
CA SER B 300 19.25 2.32 -13.91
C SER B 300 19.48 2.05 -12.40
N PHE B 301 20.74 1.83 -12.05
CA PHE B 301 21.17 1.55 -10.69
C PHE B 301 21.83 2.76 -10.05
N THR B 302 22.66 3.47 -10.81
CA THR B 302 23.37 4.64 -10.27
C THR B 302 22.44 5.83 -9.94
N LEU B 303 21.66 6.24 -10.93
CA LEU B 303 20.81 7.44 -10.78
C LEU B 303 19.83 7.45 -9.59
N PRO B 304 19.12 6.31 -9.35
CA PRO B 304 18.17 6.26 -8.25
C PRO B 304 18.89 6.18 -6.92
N LEU B 305 20.02 5.46 -6.90
CA LEU B 305 20.83 5.35 -5.67
C LEU B 305 21.46 6.71 -5.33
N GLY B 306 22.10 7.32 -6.33
CA GLY B 306 22.77 8.60 -6.15
C GLY B 306 21.78 9.70 -5.86
N ALA B 307 20.53 9.51 -6.31
CA ALA B 307 19.44 10.47 -6.09
C ALA B 307 19.19 10.74 -4.59
N THR B 308 19.79 9.87 -3.78
CA THR B 308 19.65 9.94 -2.32
C THR B 308 21.03 10.01 -1.64
N ILE B 309 21.94 9.16 -2.07
CA ILE B 309 23.28 9.16 -1.51
C ILE B 309 24.08 10.40 -1.90
N ASN B 310 24.08 10.74 -3.20
CA ASN B 310 24.89 11.86 -3.74
C ASN B 310 24.21 13.26 -3.80
N MET B 311 24.68 14.18 -2.94
CA MET B 311 24.18 15.54 -2.96
C MET B 311 25.27 16.55 -2.75
N ASP B 312 26.01 16.82 -3.82
CA ASP B 312 27.13 17.81 -3.83
C ASP B 312 26.61 19.19 -3.45
N GLY B 313 25.58 19.63 -4.17
CA GLY B 313 24.94 20.92 -3.93
C GLY B 313 24.47 21.10 -2.50
N THR B 314 23.92 20.05 -1.92
CA THR B 314 23.49 20.08 -0.52
C THR B 314 24.70 20.11 0.41
N ALA B 315 25.69 19.24 0.14
CA ALA B 315 26.90 19.20 0.96
C ALA B 315 27.59 20.59 0.98
N LEU B 316 27.69 21.21 -0.19
CA LEU B 316 28.29 22.53 -0.27
C LEU B 316 27.44 23.50 0.52
N TYR B 317 26.13 23.54 0.28
CA TYR B 317 25.24 24.45 1.00
C TYR B 317 25.40 24.35 2.51
N GLN B 318 25.69 23.15 2.98
CA GLN B 318 25.82 22.93 4.40
C GLN B 318 27.14 23.45 4.87
N GLY B 319 28.13 23.44 3.99
CA GLY B 319 29.41 24.00 4.34
C GLY B 319 29.34 25.50 4.59
N VAL B 320 28.85 26.24 3.60
CA VAL B 320 28.82 27.69 3.67
C VAL B 320 27.88 28.16 4.79
N CYS B 321 26.88 27.36 5.12
CA CYS B 321 25.96 27.75 6.17
C CYS B 321 26.51 27.54 7.56
N THR B 322 27.17 26.41 7.79
CA THR B 322 27.83 26.17 9.07
C THR B 322 28.83 27.31 9.37
N PHE B 323 29.29 27.97 8.32
CA PHE B 323 30.16 29.10 8.50
C PHE B 323 29.39 30.39 8.68
N PHE B 324 28.18 30.45 8.13
CA PHE B 324 27.38 31.65 8.28
C PHE B 324 26.96 31.79 9.73
N ILE B 325 26.47 30.69 10.31
CA ILE B 325 26.02 30.66 11.69
C ILE B 325 27.18 30.97 12.63
N ALA B 326 28.32 30.33 12.39
CA ALA B 326 29.50 30.54 13.21
C ALA B 326 29.97 32.00 13.22
N ASN B 327 29.95 32.65 12.06
CA ASN B 327 30.32 34.06 11.96
C ASN B 327 29.29 34.99 12.60
N ALA B 328 28.02 34.60 12.58
CA ALA B 328 26.96 35.41 13.18
C ALA B 328 27.02 35.35 14.69
N LEU B 329 27.61 34.28 15.21
CA LEU B 329 27.82 34.14 16.63
C LEU B 329 29.07 34.88 17.06
N GLY B 330 30.00 35.03 16.14
CA GLY B 330 31.19 35.83 16.41
C GLY B 330 32.44 35.03 16.72
N SER B 331 32.29 33.73 16.96
CA SER B 331 33.45 32.88 17.24
C SER B 331 33.82 32.06 16.01
N HIS B 332 35.10 32.07 15.65
CA HIS B 332 35.59 31.34 14.48
C HIS B 332 35.78 29.85 14.78
N LEU B 333 35.82 29.04 13.73
CA LEU B 333 35.99 27.61 13.88
C LEU B 333 37.45 27.23 13.66
N THR B 334 37.90 26.22 14.39
CA THR B 334 39.30 25.82 14.35
C THR B 334 39.65 25.13 13.03
N VAL B 335 40.95 25.06 12.75
CA VAL B 335 41.43 24.30 11.62
C VAL B 335 40.87 22.87 11.64
N GLY B 336 40.86 22.27 12.83
CA GLY B 336 40.36 20.91 13.03
C GLY B 336 38.84 20.79 13.04
N GLN B 337 38.18 21.90 13.35
CA GLN B 337 36.73 21.94 13.34
C GLN B 337 36.20 22.05 11.90
N GLN B 338 36.96 22.73 11.05
CA GLN B 338 36.61 22.81 9.65
C GLN B 338 36.67 21.42 9.05
N LEU B 339 37.65 20.62 9.47
CA LEU B 339 37.79 19.23 9.04
C LEU B 339 36.75 18.32 9.67
N THR B 340 36.17 18.77 10.77
CA THR B 340 35.11 18.02 11.42
C THR B 340 33.77 18.35 10.76
N ILE B 341 33.74 19.46 10.03
CA ILE B 341 32.57 19.82 9.26
C ILE B 341 32.56 18.96 8.01
N VAL B 342 33.68 18.94 7.30
CA VAL B 342 33.78 18.13 6.08
C VAL B 342 33.20 16.74 6.29
N LEU B 343 33.62 16.07 7.36
CA LEU B 343 33.22 14.69 7.62
C LEU B 343 31.77 14.54 8.07
N THR B 344 31.25 15.54 8.77
CA THR B 344 29.86 15.49 9.23
C THR B 344 28.88 15.90 8.12
N ALA B 345 29.25 16.90 7.33
CA ALA B 345 28.41 17.42 6.26
C ALA B 345 28.22 16.38 5.16
N VAL B 346 29.25 15.58 4.92
CA VAL B 346 29.14 14.47 3.99
C VAL B 346 28.06 13.52 4.50
N LEU B 347 28.17 13.15 5.77
CA LEU B 347 27.21 12.25 6.38
C LEU B 347 25.79 12.83 6.36
N ALA B 348 25.71 14.15 6.52
CA ALA B 348 24.43 14.87 6.50
C ALA B 348 23.87 14.94 5.10
N SER B 349 24.74 15.20 4.14
CA SER B 349 24.34 15.25 2.74
C SER B 349 23.72 13.91 2.36
N ILE B 350 24.49 12.83 2.55
CA ILE B 350 24.02 11.49 2.24
C ILE B 350 22.67 11.30 2.86
N GLY B 351 22.52 11.83 4.08
CA GLY B 351 21.29 11.70 4.84
C GLY B 351 20.14 12.48 4.27
N THR B 352 20.41 13.71 3.84
CA THR B 352 19.37 14.57 3.30
C THR B 352 18.49 13.82 2.27
N ALA B 353 17.17 14.02 2.38
CA ALA B 353 16.20 13.37 1.48
C ALA B 353 16.10 14.06 0.13
N GLY B 354 15.77 13.29 -0.93
CA GLY B 354 15.59 13.83 -2.29
C GLY B 354 14.36 14.73 -2.49
N VAL B 355 13.97 15.40 -1.40
CA VAL B 355 12.81 16.27 -1.40
C VAL B 355 13.17 17.74 -1.09
N PRO B 356 12.37 18.68 -1.60
CA PRO B 356 12.58 20.10 -1.38
C PRO B 356 12.72 20.44 0.09
N GLY B 357 13.70 21.31 0.36
CA GLY B 357 13.89 21.93 1.67
C GLY B 357 14.26 20.93 2.74
N ALA B 358 14.91 19.84 2.32
CA ALA B 358 15.29 18.78 3.24
C ALA B 358 16.72 18.96 3.67
N GLY B 359 17.49 19.70 2.89
CA GLY B 359 18.86 19.99 3.30
C GLY B 359 18.95 20.88 4.52
N ALA B 360 18.08 21.88 4.56
CA ALA B 360 18.06 22.83 5.66
C ALA B 360 17.83 22.14 7.00
N ILE B 361 16.95 21.14 6.99
CA ILE B 361 16.65 20.39 8.21
C ILE B 361 17.88 19.62 8.66
N MET B 362 18.60 19.04 7.70
CA MET B 362 19.76 18.24 7.99
C MET B 362 20.90 19.07 8.44
N LEU B 363 20.92 20.33 8.00
CA LEU B 363 21.93 21.27 8.42
C LEU B 363 22.16 21.23 9.93
N ALA B 364 21.09 21.04 10.71
CA ALA B 364 21.19 21.00 12.18
C ALA B 364 22.17 19.95 12.65
N MET B 365 22.13 18.78 12.01
CA MET B 365 22.98 17.65 12.35
C MET B 365 24.48 18.01 12.30
N VAL B 366 24.86 18.83 11.32
CA VAL B 366 26.25 19.23 11.13
C VAL B 366 26.55 20.44 11.99
N LEU B 367 25.53 21.01 12.61
CA LEU B 367 25.72 22.17 13.46
C LEU B 367 26.15 21.76 14.87
N GLU B 368 25.63 20.63 15.34
CA GLU B 368 26.03 20.12 16.65
C GLU B 368 27.49 19.72 16.66
N SER B 369 27.96 19.15 15.56
CA SER B 369 29.29 18.57 15.49
C SER B 369 30.42 19.56 15.73
N VAL B 370 30.22 20.82 15.38
CA VAL B 370 31.24 21.85 15.61
C VAL B 370 31.22 22.41 17.02
N GLY B 371 30.01 22.56 17.56
CA GLY B 371 29.86 22.99 18.94
C GLY B 371 28.82 24.08 19.11
N LEU B 372 27.91 24.23 18.14
CA LEU B 372 26.84 25.22 18.25
C LEU B 372 25.45 24.67 17.98
N PRO B 373 24.86 23.97 18.96
CA PRO B 373 23.54 23.35 18.85
C PRO B 373 22.50 24.28 18.26
N LEU B 374 21.35 23.72 17.90
CA LEU B 374 20.28 24.48 17.28
C LEU B 374 19.24 24.94 18.32
N THR B 375 19.40 24.50 19.56
CA THR B 375 18.49 24.88 20.63
C THR B 375 18.96 26.19 21.26
N ASP B 376 20.24 26.52 21.06
CA ASP B 376 20.83 27.75 21.57
C ASP B 376 20.12 29.00 21.06
N PRO B 377 19.35 29.65 21.95
CA PRO B 377 18.53 30.82 21.64
C PRO B 377 18.95 31.60 20.40
N ASN B 378 20.20 32.05 20.35
CA ASN B 378 20.68 32.88 19.22
C ASN B 378 21.01 32.12 17.93
N VAL B 379 21.62 30.95 18.08
CA VAL B 379 21.90 30.10 16.93
C VAL B 379 20.62 29.93 16.18
N ALA B 380 19.56 29.63 16.90
CA ALA B 380 18.28 29.39 16.28
C ALA B 380 17.70 30.63 15.65
N ALA B 381 18.14 31.81 16.08
CA ALA B 381 17.62 33.04 15.49
C ALA B 381 18.37 33.39 14.22
N ALA B 382 19.58 32.84 14.09
CA ALA B 382 20.37 32.99 12.88
C ALA B 382 19.97 31.97 11.84
N TYR B 383 19.68 30.76 12.28
CA TYR B 383 19.25 29.68 11.41
C TYR B 383 17.89 29.96 10.79
N ALA B 384 17.16 30.91 11.35
CA ALA B 384 15.83 31.27 10.85
C ALA B 384 15.96 32.25 9.72
N MET B 385 17.05 32.99 9.73
CA MET B 385 17.35 33.89 8.65
C MET B 385 17.61 33.07 7.39
N ILE B 386 18.39 32.00 7.52
CA ILE B 386 18.74 31.16 6.39
C ILE B 386 17.50 30.48 5.86
N LEU B 387 16.68 29.99 6.77
CA LEU B 387 15.46 29.29 6.40
C LEU B 387 14.53 30.14 5.58
N GLY B 388 14.68 31.47 5.67
CA GLY B 388 13.77 32.42 5.00
C GLY B 388 14.02 32.58 3.51
N ILE B 389 15.24 32.28 3.08
CA ILE B 389 15.64 32.32 1.67
C ILE B 389 16.03 30.95 1.23
N ASP B 390 15.58 29.94 1.98
CA ASP B 390 16.01 28.58 1.73
C ASP B 390 15.62 28.07 0.34
N ALA B 391 14.39 28.35 -0.12
CA ALA B 391 13.93 27.89 -1.46
C ALA B 391 14.76 28.48 -2.59
N ILE B 392 15.30 29.68 -2.38
CA ILE B 392 16.25 30.30 -3.31
C ILE B 392 17.53 29.47 -3.39
N LEU B 393 18.09 29.18 -2.23
CA LEU B 393 19.26 28.36 -2.16
C LEU B 393 18.95 26.91 -2.58
N ASP B 394 17.78 26.42 -2.25
CA ASP B 394 17.44 25.04 -2.55
C ASP B 394 17.51 24.70 -4.04
N MET B 395 17.11 25.65 -4.88
CA MET B 395 17.06 25.43 -6.31
C MET B 395 18.46 25.10 -6.84
N GLY B 396 19.44 25.90 -6.38
CA GLY B 396 20.87 25.63 -6.62
C GLY B 396 21.34 24.31 -6.04
N CYS B 397 21.08 24.09 -4.75
CA CYS B 397 21.42 22.84 -4.06
C CYS B 397 20.98 21.64 -4.85
N THR B 398 19.77 21.67 -5.44
CA THR B 398 19.20 20.50 -6.14
C THR B 398 19.83 20.28 -7.51
N MET B 399 20.07 21.38 -8.23
CA MET B 399 20.61 21.22 -9.57
C MET B 399 21.97 20.53 -9.55
N VAL B 400 22.80 20.96 -8.60
CA VAL B 400 24.15 20.42 -8.47
C VAL B 400 24.12 18.99 -7.94
N ASN B 401 23.11 18.70 -7.13
CA ASN B 401 22.90 17.33 -6.67
C ASN B 401 22.74 16.39 -7.85
N VAL B 402 21.86 16.80 -8.78
CA VAL B 402 21.46 16.00 -9.92
C VAL B 402 22.59 15.90 -10.96
N THR B 403 23.18 17.04 -11.31
CA THR B 403 24.31 17.05 -12.25
C THR B 403 25.32 15.96 -11.83
N GLY B 404 25.68 15.98 -10.54
CA GLY B 404 26.66 15.06 -9.97
C GLY B 404 26.31 13.61 -10.20
N ASP B 405 25.01 13.31 -10.28
CA ASP B 405 24.55 11.94 -10.45
C ASP B 405 24.75 11.51 -11.90
N LEU B 406 24.54 12.43 -12.83
CA LEU B 406 24.72 12.14 -14.24
C LEU B 406 26.21 12.06 -14.51
N THR B 407 26.95 13.04 -14.03
CA THR B 407 28.39 13.02 -14.16
C THR B 407 28.96 11.69 -13.73
N GLY B 408 28.66 11.29 -12.52
CA GLY B 408 29.15 10.04 -11.98
C GLY B 408 28.74 8.87 -12.84
N THR B 409 27.48 8.85 -13.25
CA THR B 409 26.99 7.76 -14.08
C THR B 409 27.76 7.71 -15.40
N ALA B 410 28.08 8.90 -15.93
CA ALA B 410 28.77 9.02 -17.19
C ALA B 410 30.19 8.51 -17.06
N ILE B 411 30.91 9.02 -16.08
CA ILE B 411 32.27 8.60 -15.90
C ILE B 411 32.35 7.10 -15.70
N VAL B 412 31.51 6.55 -14.83
CA VAL B 412 31.49 5.11 -14.59
C VAL B 412 31.06 4.34 -15.83
N ALA B 413 30.24 4.98 -16.65
CA ALA B 413 29.78 4.36 -17.87
C ALA B 413 30.93 4.18 -18.85
N LYS B 414 31.78 5.21 -19.00
CA LYS B 414 32.88 5.18 -19.95
C LYS B 414 33.92 4.13 -19.57
N THR B 415 34.30 4.07 -18.30
CA THR B 415 35.25 3.04 -17.85
C THR B 415 34.65 1.64 -17.94
N GLU B 416 33.36 1.49 -17.61
CA GLU B 416 32.63 0.22 -17.80
C GLU B 416 32.63 -0.66 -16.54
N GLU C 9 -27.99 -24.19 -9.99
CA GLU C 9 -29.38 -24.45 -10.46
C GLU C 9 -30.13 -23.13 -10.52
N TYR C 10 -31.21 -23.09 -11.29
CA TYR C 10 -32.13 -21.93 -11.39
C TYR C 10 -31.46 -20.71 -12.05
N PRO C 11 -32.26 -19.82 -12.70
CA PRO C 11 -31.74 -18.54 -13.21
C PRO C 11 -31.32 -17.58 -12.09
N VAL C 12 -30.34 -16.72 -12.37
CA VAL C 12 -29.85 -15.76 -11.36
C VAL C 12 -30.75 -14.54 -11.20
N LEU C 13 -31.30 -14.03 -12.31
CA LEU C 13 -32.15 -12.82 -12.28
C LEU C 13 -33.50 -13.08 -11.57
N GLN C 14 -33.92 -14.34 -11.60
CA GLN C 14 -35.11 -14.76 -10.90
C GLN C 14 -34.84 -14.84 -9.40
N LYS C 15 -33.72 -15.50 -9.04
CA LYS C 15 -33.34 -15.71 -7.63
C LYS C 15 -33.23 -14.40 -6.86
N ILE C 16 -32.63 -13.37 -7.48
CA ILE C 16 -32.49 -12.05 -6.87
C ILE C 16 -33.86 -11.49 -6.48
N LEU C 17 -34.79 -11.43 -7.44
CA LEU C 17 -36.13 -10.87 -7.20
C LEU C 17 -36.80 -11.53 -6.03
N ILE C 18 -36.61 -12.84 -5.90
CA ILE C 18 -37.14 -13.60 -4.77
C ILE C 18 -36.47 -13.15 -3.47
N GLY C 19 -35.14 -13.07 -3.50
CA GLY C 19 -34.38 -12.62 -2.34
C GLY C 19 -34.79 -11.22 -1.96
N LEU C 20 -34.94 -10.35 -2.95
CA LEU C 20 -35.33 -8.98 -2.70
C LEU C 20 -36.72 -8.90 -2.08
N ILE C 21 -37.72 -9.54 -2.70
CA ILE C 21 -39.12 -9.45 -2.25
C ILE C 21 -39.34 -10.16 -0.94
N LEU C 22 -38.84 -11.39 -0.85
CA LEU C 22 -38.92 -12.19 0.36
C LEU C 22 -38.03 -11.61 1.48
N GLY C 23 -36.94 -10.95 1.08
CA GLY C 23 -36.04 -10.30 2.04
C GLY C 23 -36.68 -9.11 2.69
N ALA C 24 -37.26 -8.23 1.87
CA ALA C 24 -37.95 -7.04 2.35
C ALA C 24 -39.09 -7.37 3.30
N ILE C 25 -39.68 -8.53 3.10
CA ILE C 25 -40.81 -8.98 3.92
C ILE C 25 -40.36 -9.62 5.22
N VAL C 26 -39.31 -10.45 5.17
CA VAL C 26 -38.74 -11.07 6.38
C VAL C 26 -38.17 -10.00 7.29
N GLY C 27 -37.72 -8.91 6.70
CA GLY C 27 -37.14 -7.80 7.45
C GLY C 27 -38.20 -7.00 8.16
N LEU C 28 -39.14 -6.46 7.41
CA LEU C 28 -40.21 -5.64 7.98
C LEU C 28 -40.89 -6.35 9.14
N ILE C 29 -41.16 -7.64 8.97
CA ILE C 29 -41.83 -8.44 10.01
C ILE C 29 -40.96 -8.62 11.25
N LEU C 30 -39.75 -9.15 11.09
CA LEU C 30 -38.84 -9.35 12.22
C LEU C 30 -38.65 -8.07 13.01
N GLY C 31 -38.50 -6.95 12.32
CA GLY C 31 -38.20 -5.67 12.95
C GLY C 31 -39.35 -5.06 13.72
N HIS C 32 -40.57 -5.29 13.21
CA HIS C 32 -41.79 -4.77 13.84
C HIS C 32 -41.98 -5.38 15.22
N TYR C 33 -41.35 -6.53 15.44
CA TYR C 33 -41.41 -7.22 16.71
C TYR C 33 -40.15 -6.96 17.54
N GLY C 34 -39.33 -5.99 17.11
CA GLY C 34 -38.15 -5.53 17.86
C GLY C 34 -36.87 -6.34 17.68
N TYR C 35 -36.90 -7.28 16.75
CA TYR C 35 -35.74 -8.12 16.47
C TYR C 35 -34.71 -7.42 15.56
N ALA C 36 -34.75 -6.09 15.54
CA ALA C 36 -33.81 -5.30 14.74
C ALA C 36 -32.35 -5.61 15.09
N ASP C 37 -32.12 -6.04 16.33
CA ASP C 37 -30.79 -6.42 16.79
C ASP C 37 -30.46 -7.86 16.47
N ALA C 38 -31.48 -8.70 16.41
CA ALA C 38 -31.29 -10.10 16.04
C ALA C 38 -30.96 -10.22 14.55
N VAL C 39 -31.54 -9.33 13.74
CA VAL C 39 -31.28 -9.34 12.32
C VAL C 39 -29.87 -8.84 12.02
N LYS C 40 -29.39 -7.90 12.84
CA LYS C 40 -28.08 -7.27 12.62
C LYS C 40 -26.90 -8.21 12.91
N THR C 41 -27.00 -9.02 13.96
CA THR C 41 -25.89 -9.87 14.31
C THR C 41 -25.99 -11.23 13.64
N TYR C 42 -27.18 -11.58 13.16
CA TYR C 42 -27.39 -12.90 12.55
C TYR C 42 -27.50 -12.88 11.02
N VAL C 43 -28.41 -12.07 10.48
CA VAL C 43 -28.69 -12.09 9.04
C VAL C 43 -27.70 -11.26 8.23
N LYS C 44 -27.45 -10.04 8.69
CA LYS C 44 -26.63 -9.07 7.95
C LYS C 44 -25.28 -9.59 7.47
N PRO C 45 -24.49 -10.24 8.34
CA PRO C 45 -23.19 -10.77 7.95
C PRO C 45 -23.13 -11.30 6.51
N PHE C 46 -24.16 -12.04 6.08
CA PHE C 46 -24.21 -12.59 4.71
C PHE C 46 -24.26 -11.48 3.65
N GLY C 47 -25.03 -10.44 3.96
CA GLY C 47 -25.14 -9.28 3.10
C GLY C 47 -23.80 -8.59 3.00
N ASP C 48 -22.99 -8.68 4.05
CA ASP C 48 -21.67 -8.07 4.05
C ASP C 48 -20.69 -8.85 3.21
N LEU C 49 -20.73 -10.17 3.35
CA LEU C 49 -19.87 -11.01 2.55
C LEU C 49 -20.05 -10.73 1.07
N PHE C 50 -21.29 -10.44 0.65
CA PHE C 50 -21.60 -10.08 -0.75
C PHE C 50 -20.91 -8.76 -1.17
N VAL C 51 -20.91 -7.79 -0.26
CA VAL C 51 -20.31 -6.48 -0.49
C VAL C 51 -18.81 -6.58 -0.62
N ARG C 52 -18.22 -7.32 0.32
CA ARG C 52 -16.79 -7.51 0.38
C ARG C 52 -16.29 -8.12 -0.93
N LEU C 53 -17.04 -9.09 -1.42
CA LEU C 53 -16.68 -9.83 -2.63
C LEU C 53 -16.68 -8.91 -3.81
N LEU C 54 -17.62 -7.96 -3.84
CA LEU C 54 -17.72 -6.98 -4.94
C LEU C 54 -16.64 -5.90 -4.89
N LYS C 55 -16.43 -5.32 -3.71
CA LYS C 55 -15.32 -4.39 -3.46
C LYS C 55 -13.98 -5.02 -3.88
N MET C 56 -13.83 -6.29 -3.51
CA MET C 56 -12.65 -7.07 -3.90
C MET C 56 -12.25 -6.77 -5.36
N LEU C 57 -13.20 -6.92 -6.28
CA LEU C 57 -12.92 -6.83 -7.68
C LEU C 57 -12.63 -5.42 -8.21
N VAL C 58 -13.10 -4.37 -7.51
CA VAL C 58 -13.16 -3.01 -8.10
C VAL C 58 -11.81 -2.55 -8.59
N MET C 59 -10.82 -2.62 -7.72
CA MET C 59 -9.54 -2.15 -8.15
C MET C 59 -9.01 -2.82 -9.41
N PRO C 60 -8.77 -4.14 -9.38
CA PRO C 60 -8.23 -4.84 -10.57
C PRO C 60 -9.07 -4.60 -11.80
N ILE C 61 -10.38 -4.86 -11.70
CA ILE C 61 -11.28 -4.75 -12.86
C ILE C 61 -11.31 -3.34 -13.49
N VAL C 62 -11.22 -2.30 -12.65
CA VAL C 62 -11.21 -0.93 -13.18
C VAL C 62 -9.89 -0.65 -13.90
N PHE C 63 -8.78 -0.86 -13.18
CA PHE C 63 -7.43 -0.57 -13.69
C PHE C 63 -7.12 -1.29 -14.99
N ALA C 64 -7.24 -2.61 -14.94
CA ALA C 64 -6.84 -3.46 -16.04
C ALA C 64 -7.69 -3.24 -17.27
N SER C 65 -8.97 -2.91 -17.05
CA SER C 65 -9.88 -2.68 -18.17
C SER C 65 -9.56 -1.37 -18.91
N LEU C 66 -9.12 -0.35 -18.17
CA LEU C 66 -8.90 0.98 -18.73
C LEU C 66 -7.59 1.07 -19.48
N VAL C 67 -6.57 0.34 -19.00
CA VAL C 67 -5.30 0.27 -19.71
C VAL C 67 -5.55 -0.32 -21.09
N VAL C 68 -6.34 -1.39 -21.15
CA VAL C 68 -6.73 -2.03 -22.43
C VAL C 68 -7.69 -1.16 -23.23
N GLY C 69 -8.54 -0.44 -22.51
CA GLY C 69 -9.51 0.45 -23.11
C GLY C 69 -8.83 1.67 -23.70
N ALA C 70 -7.95 2.29 -22.96
CA ALA C 70 -7.25 3.47 -23.44
C ALA C 70 -6.31 3.12 -24.56
N ALA C 71 -5.78 1.90 -24.49
CA ALA C 71 -4.92 1.41 -25.55
C ALA C 71 -5.73 1.03 -26.80
N SER C 72 -6.97 0.61 -26.59
CA SER C 72 -7.86 0.21 -27.67
C SER C 72 -8.24 1.38 -28.59
N ILE C 73 -8.85 2.42 -28.02
CA ILE C 73 -9.46 3.47 -28.80
C ILE C 73 -8.48 4.62 -29.08
N SER C 74 -8.88 5.50 -30.01
CA SER C 74 -8.09 6.68 -30.42
C SER C 74 -7.92 7.66 -29.27
N PRO C 75 -6.76 8.32 -29.18
CA PRO C 75 -6.54 9.26 -28.08
C PRO C 75 -7.44 10.49 -28.19
N ALA C 76 -7.83 10.82 -29.40
CA ALA C 76 -8.72 11.94 -29.61
C ALA C 76 -10.15 11.52 -29.35
N ARG C 77 -10.46 10.28 -29.72
CA ARG C 77 -11.78 9.72 -29.50
C ARG C 77 -12.08 9.76 -28.00
N LEU C 78 -11.24 9.09 -27.22
CA LEU C 78 -11.37 9.02 -25.77
C LEU C 78 -11.58 10.42 -25.20
N GLY C 79 -10.87 11.38 -25.77
CA GLY C 79 -10.99 12.79 -25.37
C GLY C 79 -12.36 13.37 -25.69
N ARG C 80 -12.90 12.98 -26.84
CA ARG C 80 -14.23 13.43 -27.23
C ARG C 80 -15.26 12.75 -26.33
N VAL C 81 -15.11 11.45 -26.14
CA VAL C 81 -15.99 10.68 -25.26
C VAL C 81 -16.08 11.38 -23.92
N GLY C 82 -14.96 11.86 -23.45
CA GLY C 82 -14.88 12.54 -22.17
C GLY C 82 -15.71 13.81 -22.13
N VAL C 83 -15.60 14.63 -23.16
CA VAL C 83 -16.30 15.91 -23.19
C VAL C 83 -17.78 15.69 -23.26
N LYS C 84 -18.17 14.63 -23.96
CA LYS C 84 -19.57 14.31 -24.13
C LYS C 84 -20.17 13.79 -22.85
N ILE C 85 -19.53 12.80 -22.24
CA ILE C 85 -20.08 12.18 -21.05
C ILE C 85 -20.13 13.13 -19.85
N VAL C 86 -19.23 14.10 -19.81
CA VAL C 86 -19.21 15.13 -18.75
C VAL C 86 -20.38 16.08 -18.95
N VAL C 87 -20.58 16.51 -20.20
CA VAL C 87 -21.73 17.37 -20.56
C VAL C 87 -23.04 16.70 -20.18
N TYR C 88 -23.09 15.40 -20.45
CA TYR C 88 -24.27 14.60 -20.13
C TYR C 88 -24.52 14.56 -18.63
N TYR C 89 -23.51 14.18 -17.86
CA TYR C 89 -23.64 14.04 -16.39
C TYR C 89 -24.16 15.33 -15.72
N LEU C 90 -23.59 16.47 -16.17
CA LEU C 90 -23.93 17.77 -15.60
C LEU C 90 -25.36 18.07 -15.89
N LEU C 91 -25.77 17.88 -17.13
CA LEU C 91 -27.15 18.19 -17.52
C LEU C 91 -28.18 17.25 -16.88
N THR C 92 -27.76 16.02 -16.60
CA THR C 92 -28.65 15.05 -15.92
C THR C 92 -28.84 15.44 -14.47
N SER C 93 -27.72 15.55 -13.75
CA SER C 93 -27.75 15.92 -12.34
C SER C 93 -28.52 17.24 -12.11
N ALA C 94 -28.36 18.23 -13.00
CA ALA C 94 -29.03 19.52 -12.87
C ALA C 94 -30.52 19.37 -13.08
N PHE C 95 -30.89 18.48 -13.98
CA PHE C 95 -32.29 18.20 -14.20
C PHE C 95 -32.87 17.38 -13.04
N ALA C 96 -32.02 16.62 -12.36
CA ALA C 96 -32.50 15.76 -11.30
C ALA C 96 -32.88 16.54 -10.04
N VAL C 97 -32.18 17.64 -9.79
CA VAL C 97 -32.47 18.49 -8.64
C VAL C 97 -33.81 19.17 -8.88
N THR C 98 -33.96 19.75 -10.06
CA THR C 98 -35.18 20.46 -10.44
C THR C 98 -36.39 19.53 -10.49
N LEU C 99 -36.12 18.25 -10.71
CA LEU C 99 -37.18 17.25 -10.71
C LEU C 99 -37.55 16.92 -9.29
N GLY C 100 -36.59 17.05 -8.37
CA GLY C 100 -36.81 16.80 -6.95
C GLY C 100 -37.56 17.95 -6.30
N ILE C 101 -37.15 19.17 -6.62
CA ILE C 101 -37.81 20.37 -6.13
C ILE C 101 -39.29 20.32 -6.50
N ILE C 102 -39.58 20.03 -7.76
CA ILE C 102 -40.96 19.94 -8.24
C ILE C 102 -41.72 18.80 -7.56
N MET C 103 -41.00 17.89 -6.93
CA MET C 103 -41.64 16.85 -6.16
C MET C 103 -41.85 17.31 -4.74
N ALA C 104 -41.04 18.26 -4.31
CA ALA C 104 -41.10 18.75 -2.92
C ALA C 104 -42.11 19.87 -2.76
N ARG C 105 -42.53 20.44 -3.88
CA ARG C 105 -43.58 21.43 -3.88
C ARG C 105 -44.89 20.72 -4.14
N LEU C 106 -44.82 19.62 -4.89
CA LEU C 106 -46.00 18.82 -5.19
C LEU C 106 -46.47 18.18 -3.90
N PHE C 107 -45.63 17.34 -3.30
CA PHE C 107 -45.89 16.87 -1.97
C PHE C 107 -45.39 17.94 -1.04
N ASN C 108 -45.88 17.92 0.19
CA ASN C 108 -45.34 18.82 1.20
C ASN C 108 -44.87 18.01 2.40
N PRO C 109 -43.57 17.68 2.41
CA PRO C 109 -42.96 16.92 3.49
C PRO C 109 -42.55 17.82 4.64
N GLY C 110 -43.12 17.56 5.81
CA GLY C 110 -42.86 18.34 7.01
C GLY C 110 -43.50 19.72 6.95
N ALA C 111 -44.73 19.78 6.44
CA ALA C 111 -45.45 21.05 6.28
C ALA C 111 -45.91 21.62 7.62
N GLY C 112 -46.69 20.85 8.36
CA GLY C 112 -47.20 21.29 9.66
C GLY C 112 -46.60 20.55 10.83
N ILE C 113 -45.31 20.20 10.73
CA ILE C 113 -44.61 19.47 11.79
C ILE C 113 -43.75 20.40 12.65
N HIS C 114 -43.81 20.20 13.98
CA HIS C 114 -42.96 20.92 14.95
C HIS C 114 -42.18 19.93 15.81
N LEU C 115 -40.85 20.04 15.79
CA LEU C 115 -39.98 18.99 16.31
C LEU C 115 -39.39 19.33 17.67
N ALA C 116 -39.01 18.29 18.41
CA ALA C 116 -38.40 18.45 19.73
C ALA C 116 -36.94 18.89 19.59
N VAL C 117 -36.68 20.16 19.82
CA VAL C 117 -35.36 20.74 19.59
C VAL C 117 -34.36 20.34 20.67
N GLY C 118 -33.06 20.37 20.34
CA GLY C 118 -31.99 20.17 21.32
C GLY C 118 -31.56 18.74 21.46
N GLY C 119 -32.27 17.85 20.78
CA GLY C 119 -32.03 16.41 20.87
C GLY C 119 -30.62 16.00 20.47
N GLN C 120 -30.17 16.52 19.34
CA GLN C 120 -28.87 16.15 18.78
C GLN C 120 -28.27 17.30 17.97
N GLN C 121 -27.03 17.70 18.30
CA GLN C 121 -26.27 18.71 17.52
C GLN C 121 -25.27 18.04 16.60
N PHE C 122 -25.14 18.55 15.38
CA PHE C 122 -24.24 17.95 14.40
C PHE C 122 -23.01 18.78 14.13
N GLN C 123 -21.94 18.10 13.71
CA GLN C 123 -20.63 18.73 13.54
C GLN C 123 -20.25 18.90 12.07
N PRO C 124 -19.97 20.17 11.67
CA PRO C 124 -19.62 20.48 10.27
C PRO C 124 -18.20 20.03 9.90
N LYS C 125 -18.07 19.22 8.86
CA LYS C 125 -16.76 18.75 8.37
C LYS C 125 -16.23 19.74 7.32
N GLN C 126 -15.23 20.55 7.70
CA GLN C 126 -14.67 21.57 6.79
C GLN C 126 -14.10 20.97 5.49
N ALA C 127 -14.70 21.35 4.36
CA ALA C 127 -14.30 20.88 3.00
C ALA C 127 -12.90 21.43 2.57
N PRO C 128 -12.16 20.66 1.74
CA PRO C 128 -10.89 21.14 1.20
C PRO C 128 -11.09 21.97 -0.07
N PRO C 129 -10.09 22.79 -0.42
CA PRO C 129 -10.13 23.72 -1.57
C PRO C 129 -10.31 23.00 -2.87
N LEU C 130 -11.03 23.59 -3.81
CA LEU C 130 -11.25 22.97 -5.09
C LEU C 130 -9.93 22.62 -5.78
N VAL C 131 -9.00 23.56 -5.77
CA VAL C 131 -7.68 23.35 -6.35
C VAL C 131 -7.06 22.04 -5.88
N LYS C 132 -6.95 21.86 -4.57
CA LYS C 132 -6.41 20.64 -3.97
C LYS C 132 -7.08 19.36 -4.49
N ILE C 133 -8.39 19.39 -4.67
CA ILE C 133 -9.15 18.24 -5.15
C ILE C 133 -8.81 17.91 -6.58
N LEU C 134 -8.59 18.94 -7.39
CA LEU C 134 -8.30 18.75 -8.80
C LEU C 134 -6.90 18.24 -9.04
N LEU C 135 -5.92 18.79 -8.34
CA LEU C 135 -4.53 18.34 -8.50
C LEU C 135 -4.31 16.95 -7.93
N ASP C 136 -5.26 16.52 -7.10
CA ASP C 136 -5.23 15.21 -6.45
C ASP C 136 -5.86 14.11 -7.29
N ILE C 137 -6.22 14.45 -8.52
CA ILE C 137 -6.64 13.48 -9.47
C ILE C 137 -5.38 12.88 -10.07
N VAL C 138 -4.33 13.68 -10.18
CA VAL C 138 -3.04 13.20 -10.68
C VAL C 138 -2.25 12.61 -9.52
N PRO C 139 -2.08 11.26 -9.52
CA PRO C 139 -1.52 10.59 -8.33
C PRO C 139 -0.01 10.68 -8.37
N THR C 140 0.62 10.74 -7.19
CA THR C 140 2.09 10.83 -7.15
C THR C 140 2.75 9.47 -7.06
N ASN C 141 1.92 8.42 -6.93
CA ASN C 141 2.41 7.05 -6.98
C ASN C 141 1.29 6.12 -7.35
N PRO C 142 1.27 5.63 -8.60
CA PRO C 142 0.21 4.75 -9.11
C PRO C 142 -0.02 3.51 -8.21
N PHE C 143 1.08 2.95 -7.72
CA PHE C 143 1.04 1.76 -6.89
C PHE C 143 0.32 2.06 -5.62
N GLY C 144 0.50 3.27 -5.12
CA GLY C 144 -0.24 3.70 -3.94
C GLY C 144 -1.73 3.85 -4.16
N ALA C 145 -2.07 4.39 -5.33
CA ALA C 145 -3.44 4.61 -5.71
C ALA C 145 -4.13 3.29 -5.58
N LEU C 146 -3.74 2.37 -6.46
CA LEU C 146 -4.27 1.00 -6.44
C LEU C 146 -4.29 0.43 -5.04
N ALA C 147 -3.10 0.38 -4.42
CA ALA C 147 -2.94 -0.17 -3.09
C ALA C 147 -4.11 0.19 -2.17
N ASN C 148 -4.47 1.48 -2.10
CA ASN C 148 -5.59 1.90 -1.23
C ASN C 148 -6.75 2.63 -1.95
N GLY C 149 -7.77 1.89 -2.39
CA GLY C 149 -8.95 2.47 -3.10
C GLY C 149 -8.54 3.39 -4.23
N GLN C 150 -9.00 4.65 -4.18
CA GLN C 150 -8.54 5.76 -5.10
C GLN C 150 -8.82 5.48 -6.56
N VAL C 151 -10.09 5.58 -6.90
CA VAL C 151 -10.56 5.17 -8.23
C VAL C 151 -10.12 6.16 -9.31
N LEU C 152 -10.31 7.45 -9.02
CA LEU C 152 -10.05 8.54 -9.99
C LEU C 152 -8.57 8.70 -10.35
N PRO C 153 -7.71 8.77 -9.32
CA PRO C 153 -6.28 8.75 -9.64
C PRO C 153 -5.88 7.57 -10.55
N THR C 154 -6.44 6.38 -10.27
CA THR C 154 -6.16 5.15 -11.03
C THR C 154 -6.66 5.37 -12.44
N ILE C 155 -7.86 5.93 -12.59
CA ILE C 155 -8.41 6.26 -13.88
C ILE C 155 -7.41 7.05 -14.70
N PHE C 156 -6.84 8.11 -14.11
CA PHE C 156 -5.86 8.98 -14.79
C PHE C 156 -4.62 8.20 -15.30
N PHE C 157 -3.95 7.52 -14.37
CA PHE C 157 -2.78 6.74 -14.70
C PHE C 157 -3.08 5.70 -15.76
N ALA C 158 -4.14 4.91 -15.56
CA ALA C 158 -4.53 3.85 -16.51
C ALA C 158 -4.66 4.35 -17.95
N ILE C 159 -5.32 5.50 -18.12
CA ILE C 159 -5.47 6.10 -19.46
C ILE C 159 -4.11 6.49 -20.02
N ILE C 160 -3.30 7.12 -19.17
CA ILE C 160 -1.97 7.53 -19.57
C ILE C 160 -1.18 6.31 -20.00
N LEU C 161 -1.12 5.28 -19.16
CA LEU C 161 -0.43 4.05 -19.51
C LEU C 161 -1.02 3.42 -20.75
N GLY C 162 -2.33 3.42 -20.83
CA GLY C 162 -3.01 2.91 -22.02
C GLY C 162 -2.51 3.56 -23.29
N ILE C 163 -2.52 4.89 -23.32
CA ILE C 163 -2.05 5.63 -24.49
C ILE C 163 -0.57 5.39 -24.72
N ALA C 164 0.18 5.17 -23.66
CA ALA C 164 1.60 4.90 -23.79
C ALA C 164 1.87 3.59 -24.51
N ILE C 165 1.13 2.54 -24.14
CA ILE C 165 1.29 1.24 -24.76
C ILE C 165 1.02 1.34 -26.27
N THR C 166 -0.03 2.09 -26.64
CA THR C 166 -0.37 2.34 -28.05
C THR C 166 0.82 2.90 -28.86
N TYR C 167 1.45 3.96 -28.35
CA TYR C 167 2.58 4.57 -29.03
C TYR C 167 3.78 3.66 -29.09
N LEU C 168 3.80 2.63 -28.25
CA LEU C 168 4.86 1.64 -28.29
C LEU C 168 4.56 0.57 -29.33
N MET C 169 3.33 0.53 -29.82
CA MET C 169 2.94 -0.41 -30.87
C MET C 169 3.48 0.04 -32.24
N ASN C 170 3.56 1.35 -32.44
CA ASN C 170 3.98 1.94 -33.71
C ASN C 170 5.48 2.09 -33.85
N SER C 171 6.22 1.76 -32.81
CA SER C 171 7.67 1.91 -32.83
C SER C 171 8.31 1.05 -33.90
N GLU C 172 9.43 1.53 -34.43
CA GLU C 172 10.16 0.82 -35.48
C GLU C 172 10.81 -0.45 -34.92
N ASN C 173 11.16 -0.42 -33.64
CA ASN C 173 11.85 -1.53 -32.99
C ASN C 173 10.98 -2.80 -32.91
N GLU C 174 11.63 -3.95 -32.90
CA GLU C 174 10.96 -5.23 -32.70
C GLU C 174 10.81 -5.53 -31.22
N LYS C 175 11.91 -5.39 -30.47
CA LYS C 175 11.91 -5.72 -29.03
C LYS C 175 11.04 -4.79 -28.17
N VAL C 176 10.76 -3.59 -28.67
CA VAL C 176 9.87 -2.64 -27.99
C VAL C 176 8.42 -3.00 -28.25
N ARG C 177 8.09 -3.23 -29.52
CA ARG C 177 6.75 -3.59 -29.94
C ARG C 177 6.27 -4.90 -29.30
N LYS C 178 7.21 -5.79 -28.99
CA LYS C 178 6.90 -7.10 -28.39
C LYS C 178 6.67 -6.98 -26.90
N SER C 179 7.54 -6.24 -26.22
CA SER C 179 7.38 -6.03 -24.80
C SER C 179 6.09 -5.26 -24.51
N ALA C 180 5.73 -4.32 -25.38
CA ALA C 180 4.49 -3.56 -25.21
C ALA C 180 3.29 -4.45 -25.40
N GLU C 181 3.38 -5.36 -26.34
CA GLU C 181 2.32 -6.34 -26.56
C GLU C 181 2.12 -7.21 -25.32
N THR C 182 3.23 -7.76 -24.81
CA THR C 182 3.22 -8.65 -23.65
C THR C 182 2.52 -8.02 -22.44
N LEU C 183 2.96 -6.82 -22.07
CA LEU C 183 2.36 -6.07 -20.98
C LEU C 183 0.86 -5.99 -21.20
N LEU C 184 0.44 -5.45 -22.35
CA LEU C 184 -0.98 -5.26 -22.63
C LEU C 184 -1.76 -6.55 -22.49
N ASP C 185 -1.21 -7.63 -23.01
CA ASP C 185 -1.89 -8.92 -22.95
C ASP C 185 -2.14 -9.37 -21.53
N ALA C 186 -1.08 -9.39 -20.71
CA ALA C 186 -1.18 -9.82 -19.32
C ALA C 186 -2.19 -9.00 -18.56
N ILE C 187 -2.13 -7.66 -18.75
CA ILE C 187 -3.06 -6.72 -18.10
C ILE C 187 -4.48 -7.03 -18.50
N ASN C 188 -4.64 -7.40 -19.77
CA ASN C 188 -5.94 -7.83 -20.28
C ASN C 188 -6.35 -9.17 -19.72
N GLY C 189 -5.36 -10.01 -19.42
CA GLY C 189 -5.62 -11.26 -18.75
C GLY C 189 -6.35 -11.02 -17.46
N LEU C 190 -5.79 -10.14 -16.64
CA LEU C 190 -6.41 -9.76 -15.40
C LEU C 190 -7.83 -9.30 -15.67
N ALA C 191 -7.98 -8.32 -16.56
CA ALA C 191 -9.29 -7.75 -16.90
C ALA C 191 -10.34 -8.83 -17.18
N GLU C 192 -10.01 -9.69 -18.14
CA GLU C 192 -10.89 -10.79 -18.53
C GLU C 192 -11.22 -11.67 -17.33
N ALA C 193 -10.22 -11.97 -16.50
CA ALA C 193 -10.40 -12.84 -15.35
C ALA C 193 -11.36 -12.24 -14.34
N MET C 194 -11.30 -10.92 -14.20
CA MET C 194 -12.10 -10.17 -13.22
C MET C 194 -13.58 -10.18 -13.55
N TYR C 195 -13.89 -10.13 -14.84
CA TYR C 195 -15.28 -10.20 -15.25
C TYR C 195 -15.84 -11.58 -15.01
N LYS C 196 -14.99 -12.60 -15.08
CA LYS C 196 -15.42 -13.97 -14.87
C LYS C 196 -15.72 -14.16 -13.40
N ILE C 197 -14.96 -13.49 -12.56
CA ILE C 197 -15.22 -13.52 -11.13
C ILE C 197 -16.62 -12.95 -10.83
N VAL C 198 -16.96 -11.81 -11.45
CA VAL C 198 -18.21 -11.13 -11.13
C VAL C 198 -19.41 -12.04 -11.34
N ASN C 199 -19.24 -13.02 -12.21
CA ASN C 199 -20.29 -14.00 -12.46
C ASN C 199 -20.51 -14.85 -11.23
N GLY C 200 -19.43 -15.46 -10.75
CA GLY C 200 -19.47 -16.32 -9.57
C GLY C 200 -19.95 -15.60 -8.34
N VAL C 201 -19.59 -14.32 -8.24
CA VAL C 201 -20.03 -13.51 -7.13
C VAL C 201 -21.50 -13.20 -7.29
N MET C 202 -21.93 -12.95 -8.52
CA MET C 202 -23.33 -12.71 -8.78
C MET C 202 -24.18 -13.92 -8.44
N GLN C 203 -23.51 -15.05 -8.21
CA GLN C 203 -24.20 -16.29 -7.83
C GLN C 203 -24.59 -16.24 -6.35
N TYR C 204 -23.80 -15.54 -5.56
CA TYR C 204 -24.08 -15.39 -4.17
C TYR C 204 -24.97 -14.19 -3.96
N ALA C 205 -25.34 -13.54 -5.06
CA ALA C 205 -26.10 -12.30 -4.98
C ALA C 205 -27.43 -12.45 -4.25
N PRO C 206 -28.25 -13.43 -4.65
CA PRO C 206 -29.52 -13.62 -4.00
C PRO C 206 -29.41 -13.73 -2.47
N ILE C 207 -28.51 -14.57 -1.97
CA ILE C 207 -28.32 -14.73 -0.53
C ILE C 207 -27.96 -13.38 0.08
N GLY C 208 -26.99 -12.70 -0.52
CA GLY C 208 -26.56 -11.39 -0.06
C GLY C 208 -27.71 -10.40 -0.10
N VAL C 209 -28.36 -10.33 -1.26
CA VAL C 209 -29.45 -9.40 -1.45
C VAL C 209 -30.51 -9.61 -0.39
N PHE C 210 -30.91 -10.86 -0.18
CA PHE C 210 -31.90 -11.18 0.86
C PHE C 210 -31.53 -10.51 2.18
N ALA C 211 -30.29 -10.74 2.61
CA ALA C 211 -29.80 -10.28 3.90
C ALA C 211 -29.72 -8.78 3.97
N LEU C 212 -29.16 -8.19 2.94
CA LEU C 212 -28.97 -6.76 2.88
C LEU C 212 -30.25 -5.96 3.10
N ILE C 213 -31.36 -6.37 2.49
CA ILE C 213 -32.64 -5.66 2.66
C ILE C 213 -33.25 -6.08 3.97
N ALA C 214 -33.05 -7.35 4.33
CA ALA C 214 -33.50 -7.83 5.63
C ALA C 214 -33.01 -6.92 6.78
N TYR C 215 -31.81 -6.38 6.62
CA TYR C 215 -31.23 -5.53 7.63
C TYR C 215 -31.78 -4.13 7.53
N VAL C 216 -31.75 -3.56 6.33
CA VAL C 216 -32.21 -2.19 6.13
C VAL C 216 -33.66 -2.06 6.56
N MET C 217 -34.50 -3.02 6.20
CA MET C 217 -35.92 -2.93 6.52
C MET C 217 -36.23 -3.12 8.00
N ALA C 218 -35.48 -4.00 8.64
CA ALA C 218 -35.66 -4.23 10.07
C ALA C 218 -35.12 -3.07 10.91
N GLU C 219 -34.17 -2.34 10.35
CA GLU C 219 -33.49 -1.29 11.09
C GLU C 219 -34.18 0.05 10.93
N GLN C 220 -34.73 0.30 9.76
CA GLN C 220 -35.33 1.61 9.47
C GLN C 220 -36.67 1.53 8.77
N GLY C 221 -37.19 0.32 8.62
CA GLY C 221 -38.47 0.14 7.94
C GLY C 221 -39.60 0.71 8.75
N VAL C 222 -39.62 0.35 10.03
CA VAL C 222 -40.70 0.73 10.92
C VAL C 222 -40.73 2.23 11.22
N LYS C 223 -39.65 2.93 10.88
CA LYS C 223 -39.59 4.36 11.12
C LYS C 223 -40.19 5.12 9.96
N VAL C 224 -40.54 4.40 8.89
CA VAL C 224 -41.10 5.04 7.71
C VAL C 224 -42.57 5.30 7.87
N VAL C 225 -42.91 6.19 8.80
CA VAL C 225 -44.29 6.58 9.06
C VAL C 225 -44.38 8.10 9.24
N GLY C 226 -45.60 8.63 9.18
CA GLY C 226 -45.82 10.05 9.39
C GLY C 226 -45.12 10.87 8.34
N GLU C 227 -44.72 12.08 8.73
CA GLU C 227 -44.07 12.96 7.79
C GLU C 227 -42.86 12.33 7.13
N LEU C 228 -42.27 11.34 7.81
CA LEU C 228 -41.13 10.59 7.28
C LEU C 228 -41.56 9.68 6.14
N ALA C 229 -42.84 9.32 6.12
CA ALA C 229 -43.36 8.54 5.03
C ALA C 229 -43.54 9.43 3.82
N LYS C 230 -44.04 10.65 4.04
CA LYS C 230 -44.35 11.58 2.94
C LYS C 230 -43.11 12.02 2.20
N VAL C 231 -42.04 12.28 2.93
CA VAL C 231 -40.79 12.61 2.27
C VAL C 231 -40.25 11.41 1.52
N THR C 232 -40.47 10.20 2.04
CA THR C 232 -40.02 8.94 1.41
C THR C 232 -40.69 8.71 0.06
N ALA C 233 -42.00 8.92 0.01
CA ALA C 233 -42.74 8.83 -1.24
C ALA C 233 -42.27 9.91 -2.20
N ALA C 234 -42.07 11.11 -1.67
CA ALA C 234 -41.62 12.24 -2.48
C ALA C 234 -40.33 11.94 -3.21
N VAL C 235 -39.40 11.26 -2.55
CA VAL C 235 -38.12 10.90 -3.15
C VAL C 235 -38.29 9.80 -4.17
N TYR C 236 -38.95 8.71 -3.76
CA TYR C 236 -39.15 7.58 -4.64
C TYR C 236 -39.96 7.90 -5.92
N VAL C 237 -41.07 8.64 -5.76
CA VAL C 237 -41.87 9.09 -6.90
C VAL C 237 -40.99 9.87 -7.87
N GLY C 238 -40.22 10.79 -7.33
CA GLY C 238 -39.30 11.58 -8.13
C GLY C 238 -38.30 10.72 -8.86
N LEU C 239 -37.62 9.85 -8.11
CA LEU C 239 -36.64 8.93 -8.71
C LEU C 239 -37.28 8.20 -9.88
N THR C 240 -38.47 7.64 -9.64
CA THR C 240 -39.21 6.96 -10.68
C THR C 240 -39.36 7.86 -11.91
N LEU C 241 -39.67 9.14 -11.70
CA LEU C 241 -39.82 10.07 -12.82
C LEU C 241 -38.51 10.42 -13.48
N GLN C 242 -37.41 10.24 -12.77
CA GLN C 242 -36.10 10.45 -13.37
C GLN C 242 -35.82 9.34 -14.38
N ILE C 243 -36.25 8.13 -14.06
CA ILE C 243 -36.04 7.00 -14.94
C ILE C 243 -36.91 7.14 -16.19
N LEU C 244 -38.23 7.27 -15.98
CA LEU C 244 -39.19 7.34 -17.08
C LEU C 244 -39.09 8.64 -17.86
N LEU C 245 -39.00 9.74 -17.15
CA LEU C 245 -39.05 11.03 -17.79
C LEU C 245 -37.69 11.54 -18.27
N VAL C 246 -36.60 10.87 -17.93
CA VAL C 246 -35.27 11.34 -18.35
C VAL C 246 -34.44 10.30 -19.07
N TYR C 247 -34.46 9.07 -18.58
CA TYR C 247 -33.72 7.99 -19.22
C TYR C 247 -34.49 7.40 -20.40
N PHE C 248 -35.67 6.86 -20.11
CA PHE C 248 -36.54 6.32 -21.14
C PHE C 248 -36.76 7.30 -22.27
N VAL C 249 -36.72 8.58 -21.97
CA VAL C 249 -36.87 9.61 -22.98
C VAL C 249 -35.57 9.81 -23.77
N LEU C 250 -34.46 10.07 -23.08
CA LEU C 250 -33.18 10.26 -23.76
C LEU C 250 -32.69 9.02 -24.49
N LEU C 251 -33.17 7.87 -24.06
CA LEU C 251 -32.83 6.64 -24.74
C LEU C 251 -33.60 6.50 -26.07
N LYS C 252 -34.90 6.78 -26.05
CA LYS C 252 -35.69 6.76 -27.27
C LYS C 252 -35.14 7.73 -28.28
N ILE C 253 -34.79 8.93 -27.83
CA ILE C 253 -34.30 9.97 -28.71
C ILE C 253 -33.04 9.53 -29.42
N TYR C 254 -32.20 8.76 -28.76
CA TYR C 254 -30.95 8.35 -29.35
C TYR C 254 -31.01 6.98 -30.04
N GLY C 255 -32.19 6.41 -30.10
CA GLY C 255 -32.38 5.18 -30.85
C GLY C 255 -31.94 3.96 -30.08
N ILE C 256 -32.16 3.96 -28.78
CA ILE C 256 -31.90 2.80 -27.96
C ILE C 256 -33.19 2.34 -27.33
N ASP C 257 -33.52 1.08 -27.51
CA ASP C 257 -34.74 0.53 -26.95
C ASP C 257 -34.64 0.52 -25.45
N PRO C 258 -35.49 1.29 -24.79
CA PRO C 258 -35.43 1.46 -23.36
C PRO C 258 -35.68 0.16 -22.63
N ILE C 259 -36.58 -0.66 -23.15
CA ILE C 259 -36.98 -1.87 -22.44
C ILE C 259 -35.89 -2.93 -22.35
N SER C 260 -35.19 -3.17 -23.45
CA SER C 260 -34.10 -4.15 -23.41
C SER C 260 -32.82 -3.53 -22.82
N PHE C 261 -32.87 -2.23 -22.51
CA PHE C 261 -31.81 -1.58 -21.77
C PHE C 261 -31.97 -1.85 -20.28
N ILE C 262 -33.22 -1.85 -19.82
CA ILE C 262 -33.55 -2.20 -18.44
C ILE C 262 -33.31 -3.69 -18.25
N LYS C 263 -33.54 -4.48 -19.29
CA LYS C 263 -33.34 -5.92 -19.19
C LYS C 263 -31.87 -6.29 -19.00
N LYS C 264 -30.99 -5.54 -19.67
CA LYS C 264 -29.54 -5.80 -19.63
C LYS C 264 -28.84 -5.20 -18.41
N ALA C 265 -29.37 -4.09 -17.91
CA ALA C 265 -28.83 -3.42 -16.73
C ALA C 265 -29.61 -3.74 -15.45
N LYS C 266 -30.19 -4.95 -15.39
CA LYS C 266 -31.02 -5.40 -14.26
C LYS C 266 -30.15 -5.72 -13.04
N ASP C 267 -29.11 -6.55 -13.27
CA ASP C 267 -28.17 -6.94 -12.20
C ASP C 267 -27.45 -5.75 -11.57
N ALA C 268 -27.14 -4.75 -12.39
CA ALA C 268 -26.47 -3.56 -11.92
C ALA C 268 -27.42 -2.76 -11.05
N MET C 269 -28.62 -2.49 -11.55
CA MET C 269 -29.61 -1.72 -10.82
C MET C 269 -29.97 -2.32 -9.47
N LEU C 270 -30.11 -3.65 -9.43
CA LEU C 270 -30.49 -4.34 -8.19
C LEU C 270 -29.34 -4.44 -7.18
N THR C 271 -28.13 -4.74 -7.66
CA THR C 271 -26.96 -4.73 -6.79
C THR C 271 -26.84 -3.34 -6.18
N ALA C 272 -26.85 -2.31 -7.05
CA ALA C 272 -26.79 -0.91 -6.63
C ALA C 272 -27.80 -0.61 -5.52
N PHE C 273 -29.09 -0.82 -5.81
CA PHE C 273 -30.19 -0.60 -4.84
C PHE C 273 -29.95 -1.31 -3.47
N VAL C 274 -29.63 -2.60 -3.52
CA VAL C 274 -29.43 -3.38 -2.32
C VAL C 274 -28.16 -2.94 -1.61
N THR C 275 -27.07 -2.89 -2.37
CA THR C 275 -25.76 -2.65 -1.78
C THR C 275 -25.58 -1.24 -1.19
N ARG C 276 -26.14 -0.25 -1.88
CA ARG C 276 -26.07 1.17 -1.49
C ARG C 276 -24.71 1.81 -1.81
N SER C 277 -23.85 1.02 -2.41
CA SER C 277 -22.55 1.52 -2.81
C SER C 277 -22.45 1.65 -4.32
N SER C 278 -22.53 2.91 -4.76
CA SER C 278 -22.35 3.22 -6.18
C SER C 278 -21.02 2.62 -6.72
N SER C 279 -20.00 2.71 -5.87
CA SER C 279 -18.65 2.24 -6.21
C SER C 279 -18.52 0.72 -6.09
N GLY C 280 -19.11 0.16 -5.01
CA GLY C 280 -19.11 -1.29 -4.76
C GLY C 280 -19.81 -2.09 -5.85
N THR C 281 -20.73 -1.46 -6.56
CA THR C 281 -21.45 -2.14 -7.64
C THR C 281 -20.70 -2.06 -8.97
N LEU C 282 -19.72 -1.18 -9.03
CA LEU C 282 -18.99 -0.89 -10.24
C LEU C 282 -18.55 -2.13 -11.10
N PRO C 283 -18.09 -3.23 -10.45
CA PRO C 283 -17.74 -4.39 -11.29
C PRO C 283 -18.96 -5.04 -11.94
N VAL C 284 -20.13 -4.95 -11.28
CA VAL C 284 -21.37 -5.48 -11.84
C VAL C 284 -21.83 -4.58 -12.98
N THR C 285 -21.86 -3.27 -12.71
CA THR C 285 -22.26 -2.27 -13.71
C THR C 285 -21.28 -2.19 -14.90
N MET C 286 -20.05 -2.63 -14.69
CA MET C 286 -19.07 -2.68 -15.75
C MET C 286 -19.27 -3.91 -16.60
N ARG C 287 -19.63 -5.03 -15.97
CA ARG C 287 -19.99 -6.24 -16.71
C ARG C 287 -21.21 -5.96 -17.58
N VAL C 288 -22.29 -5.50 -16.96
CA VAL C 288 -23.49 -5.14 -17.69
C VAL C 288 -23.23 -4.21 -18.89
N ALA C 289 -22.19 -3.40 -18.81
CA ALA C 289 -21.76 -2.54 -19.93
C ALA C 289 -21.15 -3.39 -21.05
N LYS C 290 -20.43 -4.43 -20.67
CA LYS C 290 -19.88 -5.38 -21.63
C LYS C 290 -21.01 -6.20 -22.23
N GLU C 291 -22.02 -6.51 -21.42
CA GLU C 291 -23.18 -7.32 -21.83
C GLU C 291 -23.95 -6.73 -22.99
N MET C 292 -24.17 -5.43 -22.97
CA MET C 292 -24.89 -4.80 -24.06
C MET C 292 -23.95 -4.36 -25.18
N GLY C 293 -22.73 -4.88 -25.14
CA GLY C 293 -21.79 -4.75 -26.25
C GLY C 293 -21.14 -3.41 -26.49
N ILE C 294 -21.07 -2.57 -25.47
CA ILE C 294 -20.40 -1.28 -25.60
C ILE C 294 -18.87 -1.53 -25.61
N SER C 295 -18.12 -0.62 -26.24
CA SER C 295 -16.68 -0.81 -26.34
C SER C 295 -15.94 -0.49 -25.06
N GLU C 296 -14.88 -1.26 -24.76
CA GLU C 296 -14.06 -1.05 -23.55
C GLU C 296 -13.48 0.36 -23.49
N GLY C 297 -13.25 0.93 -24.68
CA GLY C 297 -12.74 2.29 -24.79
C GLY C 297 -13.67 3.32 -24.17
N ILE C 298 -14.97 3.06 -24.29
CA ILE C 298 -15.97 3.97 -23.75
C ILE C 298 -16.36 3.64 -22.29
N TYR C 299 -16.99 2.49 -22.05
CA TYR C 299 -17.52 2.19 -20.71
C TYR C 299 -16.44 2.09 -19.64
N SER C 300 -15.26 1.64 -20.06
CA SER C 300 -14.11 1.49 -19.18
C SER C 300 -13.66 2.81 -18.52
N PHE C 301 -13.99 3.92 -19.21
CA PHE C 301 -13.64 5.26 -18.77
C PHE C 301 -14.86 5.99 -18.19
N THR C 302 -16.02 5.82 -18.82
CA THR C 302 -17.23 6.51 -18.34
C THR C 302 -17.73 5.99 -16.98
N LEU C 303 -17.94 4.69 -16.89
CA LEU C 303 -18.54 4.08 -15.69
C LEU C 303 -17.83 4.37 -14.34
N PRO C 304 -16.46 4.27 -14.33
CA PRO C 304 -15.73 4.52 -13.09
C PRO C 304 -15.70 6.00 -12.77
N LEU C 305 -15.62 6.83 -13.82
CA LEU C 305 -15.63 8.29 -13.62
C LEU C 305 -17.02 8.76 -13.11
N GLY C 306 -18.05 8.31 -13.82
CA GLY C 306 -19.43 8.68 -13.50
C GLY C 306 -19.84 8.11 -12.17
N ALA C 307 -19.18 7.01 -11.76
CA ALA C 307 -19.45 6.34 -10.47
C ALA C 307 -19.24 7.28 -9.27
N THR C 308 -18.60 8.41 -9.57
CA THR C 308 -18.27 9.41 -8.56
C THR C 308 -18.81 10.79 -8.97
N ILE C 309 -18.61 11.18 -10.21
CA ILE C 309 -19.12 12.44 -10.69
C ILE C 309 -20.65 12.47 -10.83
N ASN C 310 -21.21 11.41 -11.44
CA ASN C 310 -22.68 11.35 -11.72
C ASN C 310 -23.56 10.67 -10.64
N MET C 311 -24.37 11.48 -9.95
CA MET C 311 -25.31 10.94 -8.97
C MET C 311 -26.64 11.64 -9.01
N ASP C 312 -27.47 11.25 -9.99
CA ASP C 312 -28.82 11.80 -10.21
C ASP C 312 -29.69 11.56 -8.96
N GLY C 313 -29.73 10.30 -8.54
CA GLY C 313 -30.49 9.88 -7.37
C GLY C 313 -30.11 10.64 -6.12
N THR C 314 -28.82 10.89 -5.94
CA THR C 314 -28.34 11.68 -4.80
C THR C 314 -28.73 13.15 -4.98
N ALA C 315 -28.51 13.69 -6.17
CA ALA C 315 -28.87 15.10 -6.44
C ALA C 315 -30.36 15.33 -6.17
N LEU C 316 -31.20 14.42 -6.64
CA LEU C 316 -32.64 14.54 -6.40
C LEU C 316 -32.89 14.46 -4.90
N TYR C 317 -32.35 13.44 -4.23
CA TYR C 317 -32.56 13.29 -2.79
C TYR C 317 -32.22 14.55 -2.01
N GLN C 318 -31.22 15.27 -2.51
CA GLN C 318 -30.78 16.47 -1.83
C GLN C 318 -31.75 17.59 -2.10
N GLY C 319 -32.39 17.54 -3.24
CA GLY C 319 -33.40 18.52 -3.56
C GLY C 319 -34.59 18.45 -2.61
N VAL C 320 -35.21 17.27 -2.54
CA VAL C 320 -36.42 17.09 -1.76
C VAL C 320 -36.14 17.27 -0.27
N CYS C 321 -34.91 17.02 0.16
CA CYS C 321 -34.58 17.17 1.57
C CYS C 321 -34.35 18.62 1.97
N THR C 322 -33.65 19.38 1.13
CA THR C 322 -33.48 20.80 1.38
C THR C 322 -34.85 21.49 1.52
N PHE C 323 -35.86 20.89 0.91
CA PHE C 323 -37.20 21.41 1.06
C PHE C 323 -37.89 20.86 2.28
N PHE C 324 -37.51 19.68 2.71
CA PHE C 324 -38.11 19.10 3.91
C PHE C 324 -37.72 19.90 5.11
N ILE C 325 -36.42 20.20 5.23
CA ILE C 325 -35.88 20.98 6.34
C ILE C 325 -36.49 22.38 6.34
N ALA C 326 -36.52 23.02 5.18
CA ALA C 326 -37.08 24.35 5.06
C ALA C 326 -38.54 24.43 5.50
N ASN C 327 -39.35 23.44 5.12
CA ASN C 327 -40.75 23.39 5.53
C ASN C 327 -40.91 23.10 7.02
N ALA C 328 -40.00 22.33 7.59
CA ALA C 328 -40.06 21.99 9.02
C ALA C 328 -39.70 23.19 9.88
N LEU C 329 -38.95 24.12 9.31
CA LEU C 329 -38.61 25.37 9.97
C LEU C 329 -39.73 26.35 9.83
N GLY C 330 -40.51 26.23 8.76
CA GLY C 330 -41.69 27.07 8.59
C GLY C 330 -41.52 28.21 7.61
N SER C 331 -40.29 28.49 7.20
CA SER C 331 -40.03 29.55 6.23
C SER C 331 -39.78 28.98 4.85
N HIS C 332 -40.47 29.52 3.85
CA HIS C 332 -40.33 29.04 2.47
C HIS C 332 -39.09 29.61 1.79
N LEU C 333 -38.64 28.97 0.72
CA LEU C 333 -37.47 29.41 0.01
C LEU C 333 -37.88 30.20 -1.21
N THR C 334 -37.07 31.20 -1.56
CA THR C 334 -37.39 32.11 -2.65
C THR C 334 -37.25 31.45 -4.00
N VAL C 335 -37.86 32.05 -5.01
CA VAL C 335 -37.69 31.62 -6.38
C VAL C 335 -36.21 31.49 -6.72
N GLY C 336 -35.42 32.47 -6.29
CA GLY C 336 -33.97 32.52 -6.54
C GLY C 336 -33.16 31.59 -5.66
N GLN C 337 -33.72 31.24 -4.50
CA GLN C 337 -33.08 30.30 -3.59
C GLN C 337 -33.24 28.87 -4.09
N GLN C 338 -34.37 28.59 -4.75
CA GLN C 338 -34.59 27.29 -5.34
C GLN C 338 -33.56 27.07 -6.44
N LEU C 339 -33.25 28.15 -7.17
CA LEU C 339 -32.21 28.12 -8.22
C LEU C 339 -30.81 28.07 -7.64
N THR C 340 -30.67 28.47 -6.39
CA THR C 340 -29.39 28.41 -5.71
C THR C 340 -29.20 27.02 -5.14
N ILE C 341 -30.30 26.27 -5.00
CA ILE C 341 -30.22 24.90 -4.57
C ILE C 341 -29.77 24.06 -5.75
N VAL C 342 -30.42 24.24 -6.89
CA VAL C 342 -30.04 23.50 -8.10
C VAL C 342 -28.54 23.50 -8.30
N LEU C 343 -27.92 24.68 -8.23
CA LEU C 343 -26.50 24.83 -8.52
C LEU C 343 -25.60 24.28 -7.42
N THR C 344 -26.05 24.34 -6.18
CA THR C 344 -25.25 23.81 -5.07
C THR C 344 -25.39 22.29 -4.93
N ALA C 345 -26.59 21.77 -5.14
CA ALA C 345 -26.87 20.34 -5.03
C ALA C 345 -26.15 19.55 -6.09
N VAL C 346 -26.00 20.14 -7.27
CA VAL C 346 -25.20 19.52 -8.33
C VAL C 346 -23.77 19.37 -7.82
N LEU C 347 -23.22 20.46 -7.29
CA LEU C 347 -21.86 20.45 -6.77
C LEU C 347 -21.71 19.47 -5.63
N ALA C 348 -22.77 19.33 -4.84
CA ALA C 348 -22.78 18.41 -3.70
C ALA C 348 -22.89 16.97 -4.17
N SER C 349 -23.73 16.75 -5.16
CA SER C 349 -23.89 15.43 -5.74
C SER C 349 -22.53 14.94 -6.25
N ILE C 350 -21.93 15.74 -7.15
CA ILE C 350 -20.64 15.42 -7.71
C ILE C 350 -19.71 15.05 -6.58
N GLY C 351 -19.82 15.81 -5.50
CA GLY C 351 -18.96 15.64 -4.34
C GLY C 351 -19.21 14.35 -3.59
N THR C 352 -20.48 14.02 -3.41
CA THR C 352 -20.86 12.81 -2.67
C THR C 352 -20.02 11.59 -3.13
N ALA C 353 -19.56 10.81 -2.14
CA ALA C 353 -18.75 9.62 -2.41
C ALA C 353 -19.59 8.41 -2.84
N GLY C 354 -19.00 7.52 -3.67
CA GLY C 354 -19.68 6.28 -4.11
C GLY C 354 -19.92 5.23 -3.02
N VAL C 355 -20.08 5.70 -1.78
CA VAL C 355 -20.26 4.84 -0.63
C VAL C 355 -21.62 5.09 0.06
N PRO C 356 -22.16 4.04 0.70
CA PRO C 356 -23.43 4.14 1.42
C PRO C 356 -23.47 5.29 2.40
N GLY C 357 -24.60 5.98 2.38
CA GLY C 357 -24.94 7.01 3.39
C GLY C 357 -24.02 8.22 3.30
N ALA C 358 -23.48 8.46 2.11
CA ALA C 358 -22.56 9.56 1.91
C ALA C 358 -23.29 10.77 1.37
N GLY C 359 -24.46 10.55 0.79
CA GLY C 359 -25.24 11.68 0.34
C GLY C 359 -25.78 12.53 1.47
N ALA C 360 -26.21 11.86 2.53
CA ALA C 360 -26.78 12.55 3.68
C ALA C 360 -25.78 13.52 4.29
N ILE C 361 -24.52 13.10 4.34
CA ILE C 361 -23.47 13.96 4.90
C ILE C 361 -23.29 15.19 4.02
N MET C 362 -23.35 15.00 2.72
CA MET C 362 -23.13 16.08 1.78
C MET C 362 -24.30 17.02 1.76
N LEU C 363 -25.47 16.50 2.10
CA LEU C 363 -26.66 17.32 2.21
C LEU C 363 -26.40 18.63 2.97
N ALA C 364 -25.57 18.57 4.01
CA ALA C 364 -25.24 19.75 4.82
C ALA C 364 -24.71 20.88 3.98
N MET C 365 -23.82 20.55 3.04
CA MET C 365 -23.18 21.52 2.16
C MET C 365 -24.21 22.36 1.38
N VAL C 366 -25.31 21.75 0.96
CA VAL C 366 -26.33 22.42 0.18
C VAL C 366 -27.34 23.08 1.12
N LEU C 367 -27.19 22.82 2.41
CA LEU C 367 -28.09 23.41 3.39
C LEU C 367 -27.63 24.82 3.79
N GLU C 368 -26.32 25.02 3.83
CA GLU C 368 -25.77 26.35 4.13
C GLU C 368 -26.13 27.33 3.02
N SER C 369 -26.10 26.87 1.78
CA SER C 369 -26.24 27.76 0.64
C SER C 369 -27.57 28.50 0.58
N VAL C 370 -28.63 27.91 1.11
CA VAL C 370 -29.94 28.59 1.14
C VAL C 370 -30.08 29.56 2.29
N GLY C 371 -29.54 29.19 3.44
CA GLY C 371 -29.53 30.07 4.58
C GLY C 371 -29.93 29.37 5.87
N LEU C 372 -29.85 28.05 5.91
CA LEU C 372 -30.17 27.31 7.14
C LEU C 372 -29.10 26.30 7.56
N PRO C 373 -28.00 26.79 8.17
CA PRO C 373 -26.89 25.96 8.61
C PRO C 373 -27.32 24.71 9.36
N LEU C 374 -26.39 23.80 9.56
CA LEU C 374 -26.67 22.53 10.22
C LEU C 374 -26.35 22.60 11.73
N THR C 375 -25.77 23.72 12.17
CA THR C 375 -25.44 23.90 13.57
C THR C 375 -26.64 24.46 14.31
N ASP C 376 -27.56 25.09 13.57
CA ASP C 376 -28.79 25.66 14.13
C ASP C 376 -29.63 24.63 14.89
N PRO C 377 -29.64 24.71 16.22
CA PRO C 377 -30.31 23.81 17.12
C PRO C 377 -31.45 23.00 16.49
N ASN C 378 -32.43 23.68 15.90
CA ASN C 378 -33.62 23.01 15.34
C ASN C 378 -33.41 22.35 13.96
N VAL C 379 -32.65 23.02 13.09
CA VAL C 379 -32.32 22.45 11.80
C VAL C 379 -31.73 21.09 12.05
N ALA C 380 -30.82 21.02 13.00
CA ALA C 380 -30.16 19.78 13.29
C ALA C 380 -31.08 18.74 13.88
N ALA C 381 -32.20 19.17 14.45
CA ALA C 381 -33.13 18.21 15.02
C ALA C 381 -34.07 17.67 13.95
N ALA C 382 -34.20 18.41 12.85
CA ALA C 382 -34.97 17.96 11.70
C ALA C 382 -34.13 17.08 10.81
N TYR C 383 -32.87 17.41 10.66
CA TYR C 383 -31.93 16.64 9.85
C TYR C 383 -31.66 15.26 10.46
N ALA C 384 -32.02 15.10 11.73
CA ALA C 384 -31.81 13.82 12.42
C ALA C 384 -32.95 12.89 12.14
N MET C 385 -34.10 13.47 11.83
CA MET C 385 -35.24 12.71 11.43
C MET C 385 -34.95 12.04 10.10
N ILE C 386 -34.37 12.79 9.16
CA ILE C 386 -34.06 12.28 7.84
C ILE C 386 -33.02 11.20 7.95
N LEU C 387 -32.00 11.44 8.77
CA LEU C 387 -30.92 10.50 8.94
C LEU C 387 -31.39 9.15 9.44
N GLY C 388 -32.57 9.12 10.05
CA GLY C 388 -33.11 7.90 10.69
C GLY C 388 -33.70 6.89 9.70
N ILE C 389 -34.11 7.38 8.53
CA ILE C 389 -34.64 6.55 7.45
C ILE C 389 -33.74 6.68 6.26
N ASP C 390 -32.51 7.10 6.50
CA ASP C 390 -31.61 7.40 5.41
C ASP C 390 -31.29 6.17 4.55
N ALA C 391 -31.05 5.00 5.16
CA ALA C 391 -30.74 3.77 4.39
C ALA C 391 -31.89 3.33 3.48
N ILE C 392 -33.12 3.66 3.88
CA ILE C 392 -34.30 3.46 3.03
C ILE C 392 -34.21 4.33 1.79
N LEU C 393 -33.97 5.61 2.00
CA LEU C 393 -33.79 6.52 0.91
C LEU C 393 -32.51 6.23 0.13
N ASP C 394 -31.46 5.80 0.81
CA ASP C 394 -30.18 5.57 0.15
C ASP C 394 -30.26 4.54 -0.97
N MET C 395 -31.07 3.50 -0.76
CA MET C 395 -31.17 2.41 -1.72
C MET C 395 -31.67 2.95 -3.07
N GLY C 396 -32.71 3.80 -3.00
CA GLY C 396 -33.21 4.55 -4.15
C GLY C 396 -32.16 5.49 -4.75
N CYS C 397 -31.57 6.35 -3.91
CA CYS C 397 -30.52 7.26 -4.32
C CYS C 397 -29.44 6.57 -5.13
N THR C 398 -29.04 5.36 -4.72
CA THR C 398 -27.93 4.64 -5.38
C THR C 398 -28.34 4.03 -6.72
N MET C 399 -29.54 3.47 -6.77
CA MET C 399 -29.96 2.81 -7.98
C MET C 399 -29.99 3.79 -9.15
N VAL C 400 -30.56 4.97 -8.88
CA VAL C 400 -30.69 6.01 -9.90
C VAL C 400 -29.34 6.60 -10.27
N ASN C 401 -28.44 6.62 -9.30
CA ASN C 401 -27.07 7.04 -9.56
C ASN C 401 -26.45 6.19 -10.65
N VAL C 402 -26.58 4.87 -10.46
CA VAL C 402 -25.98 3.86 -11.32
C VAL C 402 -26.65 3.80 -12.70
N THR C 403 -27.98 3.74 -12.71
CA THR C 403 -28.72 3.74 -13.97
C THR C 403 -28.17 4.86 -14.88
N GLY C 404 -28.08 6.07 -14.31
CA GLY C 404 -27.61 7.26 -15.03
C GLY C 404 -26.26 7.07 -15.66
N ASP C 405 -25.42 6.24 -15.06
CA ASP C 405 -24.06 6.02 -15.57
C ASP C 405 -24.12 5.11 -16.79
N LEU C 406 -25.00 4.12 -16.76
CA LEU C 406 -25.16 3.22 -17.88
C LEU C 406 -25.84 3.97 -19.01
N THR C 407 -26.93 4.65 -18.68
CA THR C 407 -27.61 5.47 -19.67
C THR C 407 -26.64 6.35 -20.42
N GLY C 408 -25.89 7.14 -19.68
CA GLY C 408 -24.94 8.04 -20.28
C GLY C 408 -23.93 7.32 -21.13
N THR C 409 -23.41 6.20 -20.62
CA THR C 409 -22.44 5.43 -21.36
C THR C 409 -23.05 4.93 -22.66
N ALA C 410 -24.32 4.54 -22.59
CA ALA C 410 -25.03 3.99 -23.74
C ALA C 410 -25.23 5.07 -24.78
N ILE C 411 -25.79 6.20 -24.38
CA ILE C 411 -26.02 7.25 -25.31
C ILE C 411 -24.74 7.68 -25.98
N VAL C 412 -23.68 7.89 -25.21
CA VAL C 412 -22.39 8.28 -25.76
C VAL C 412 -21.81 7.17 -26.63
N ALA C 413 -22.16 5.94 -26.31
CA ALA C 413 -21.67 4.82 -27.09
C ALA C 413 -22.28 4.82 -28.48
N LYS C 414 -23.58 5.09 -28.57
CA LYS C 414 -24.28 5.07 -29.86
C LYS C 414 -23.80 6.18 -30.80
N THR C 415 -23.65 7.40 -30.28
CA THR C 415 -23.10 8.48 -31.09
C THR C 415 -21.64 8.25 -31.48
N GLU C 416 -20.83 7.71 -30.56
CA GLU C 416 -19.45 7.29 -30.85
C GLU C 416 -18.43 8.38 -30.53
#